data_8A1N
#
_entry.id   8A1N
#
_cell.length_a   60.929
_cell.length_b   94.633
_cell.length_c   75.356
_cell.angle_alpha   90.000
_cell.angle_beta   92.350
_cell.angle_gamma   90.000
#
_symmetry.space_group_name_H-M   'P 1 21 1'
#
loop_
_entity.id
_entity.type
_entity.pdbx_description
1 polymer 'L,D-transpeptidase 2'
2 non-polymer (Z)-N-(4-chlorophenyl)-4-oxidanylidene-but-2-enamide
3 non-polymer GLYCEROL
4 non-polymer 'DIMETHYL SULFOXIDE'
5 non-polymer 'SODIUM ION'
6 non-polymer 1,2-ETHANEDIOL
7 water water
#
_entity_poly.entity_id   1
_entity_poly.type   'polypeptide(L)'
_entity_poly.pdbx_seq_one_letter_code
;QSDLLVPKLTASVTDGAVGVTVDAPVSVTAADGVLAAVTMVNDNGRPVAGRLSPDGLRWSTTEQLGYNRRYTLNATALGL
GGAATRQLTFQTSSPAHLTMPYVMPGDGEVVGVGEPVAIRFDENIADRGAAEKAIKITTNPPVEGAFYWLNNREVRWRPE
HFWKPGTAVDVAVNTYGVDLGEGMFGEDNVQTHFTIGDEVIATADDNTKILTVRVNGEVVKSMPTSMGKDSTPTANGIYI
VGSRYKHIIMDSSTYGVPVNSPNGYRTDVDWATQISYSGVFVHSAPWSVGAQGHTNTSHGCLNVSPSNAQWFYDHVKRGD
IVEVVNTVGGTLPGIDGLGDWNIPWDQWRAGNAKA
;
_entity_poly.pdbx_strand_id   A,B
#
# COMPACT_ATOMS: atom_id res chain seq x y z
N LEU A 5 -37.52 1.16 -4.97
CA LEU A 5 -36.16 0.89 -5.41
C LEU A 5 -35.85 -0.60 -5.35
N VAL A 6 -35.26 -1.13 -6.42
CA VAL A 6 -34.89 -2.54 -6.50
C VAL A 6 -33.64 -2.76 -5.67
N PRO A 7 -33.57 -3.82 -4.86
CA PRO A 7 -32.36 -4.02 -4.04
C PRO A 7 -31.13 -4.26 -4.89
N LYS A 8 -29.99 -3.84 -4.36
CA LYS A 8 -28.70 -3.97 -5.04
C LYS A 8 -27.77 -4.85 -4.20
N LEU A 9 -26.94 -5.63 -4.89
CA LEU A 9 -26.00 -6.54 -4.25
C LEU A 9 -24.57 -6.13 -4.60
N THR A 10 -23.70 -6.14 -3.59
CA THR A 10 -22.30 -5.76 -3.76
C THR A 10 -21.44 -6.77 -3.02
N ALA A 11 -20.58 -7.47 -3.75
CA ALA A 11 -19.67 -8.45 -3.18
C ALA A 11 -18.24 -7.93 -3.21
N SER A 12 -17.42 -8.44 -2.30
CA SER A 12 -16.01 -8.09 -2.25
C SER A 12 -15.18 -8.87 -3.27
N VAL A 13 -15.82 -9.68 -4.12
CA VAL A 13 -15.15 -10.40 -5.19
C VAL A 13 -15.89 -10.13 -6.48
N THR A 14 -15.18 -10.28 -7.59
CA THR A 14 -15.74 -10.05 -8.92
C THR A 14 -15.95 -11.38 -9.62
N ASP A 15 -17.12 -11.55 -10.24
CA ASP A 15 -17.38 -12.73 -11.03
C ASP A 15 -16.34 -12.86 -12.14
N GLY A 16 -15.81 -14.08 -12.30
CA GLY A 16 -14.75 -14.32 -13.26
C GLY A 16 -13.36 -13.97 -12.81
N ALA A 17 -13.18 -13.58 -11.55
CA ALA A 17 -11.87 -13.15 -11.06
C ALA A 17 -11.00 -14.34 -10.73
N VAL A 18 -9.70 -14.21 -11.04
CA VAL A 18 -8.70 -15.22 -10.74
C VAL A 18 -7.65 -14.60 -9.81
N GLY A 19 -6.86 -15.48 -9.20
CA GLY A 19 -5.80 -15.02 -8.33
C GLY A 19 -6.27 -14.25 -7.12
N VAL A 20 -7.50 -14.49 -6.69
CA VAL A 20 -8.05 -13.78 -5.54
C VAL A 20 -7.32 -14.21 -4.28
N THR A 21 -6.83 -13.24 -3.51
CA THR A 21 -6.05 -13.54 -2.31
C THR A 21 -6.97 -13.87 -1.14
N VAL A 22 -6.54 -14.83 -0.33
CA VAL A 22 -7.38 -15.32 0.76
C VAL A 22 -6.91 -14.74 2.08
N ASP A 23 -6.29 -13.56 2.03
CA ASP A 23 -5.87 -12.86 3.24
C ASP A 23 -7.00 -12.02 3.85
N ALA A 24 -8.18 -12.01 3.23
CA ALA A 24 -9.31 -11.27 3.76
C ALA A 24 -10.58 -12.10 3.56
N PRO A 25 -11.59 -11.88 4.39
CA PRO A 25 -12.87 -12.57 4.17
C PRO A 25 -13.59 -12.02 2.95
N VAL A 26 -14.56 -12.80 2.48
CA VAL A 26 -15.44 -12.40 1.37
C VAL A 26 -16.76 -11.94 1.97
N SER A 27 -17.24 -10.77 1.52
CA SER A 27 -18.43 -10.14 2.06
C SER A 27 -19.47 -9.95 0.96
N VAL A 28 -20.73 -9.86 1.39
CA VAL A 28 -21.86 -9.54 0.52
C VAL A 28 -22.69 -8.48 1.24
N THR A 29 -23.01 -7.40 0.53
CA THR A 29 -23.77 -6.29 1.09
C THR A 29 -25.03 -6.06 0.26
N ALA A 30 -26.14 -5.84 0.95
CA ALA A 30 -27.41 -5.53 0.32
C ALA A 30 -27.74 -4.05 0.54
N ALA A 31 -28.23 -3.41 -0.51
CA ALA A 31 -28.72 -2.03 -0.45
C ALA A 31 -30.16 -1.99 -0.95
N ASP A 32 -30.94 -1.07 -0.39
CA ASP A 32 -32.36 -0.95 -0.72
C ASP A 32 -33.10 -2.26 -0.49
N GLY A 33 -32.63 -3.04 0.47
CA GLY A 33 -33.24 -4.32 0.78
C GLY A 33 -32.40 -5.06 1.78
N VAL A 34 -32.74 -6.34 1.98
CA VAL A 34 -32.05 -7.19 2.93
C VAL A 34 -31.67 -8.49 2.22
N LEU A 35 -30.67 -9.17 2.78
CA LEU A 35 -30.20 -10.44 2.23
C LEU A 35 -31.11 -11.55 2.73
N ALA A 36 -31.84 -12.18 1.80
CA ALA A 36 -32.70 -13.30 2.15
C ALA A 36 -31.96 -14.63 2.14
N ALA A 37 -30.91 -14.75 1.33
CA ALA A 37 -30.15 -15.99 1.28
C ALA A 37 -28.76 -15.67 0.74
N VAL A 38 -27.74 -16.28 1.33
CA VAL A 38 -26.38 -16.15 0.83
C VAL A 38 -25.66 -17.45 1.11
N THR A 39 -25.18 -18.10 0.06
CA THR A 39 -24.42 -19.33 0.20
C THR A 39 -23.15 -19.26 -0.63
N MET A 40 -22.13 -19.98 -0.19
N MET A 40 -22.12 -19.94 -0.16
CA MET A 40 -20.86 -20.04 -0.88
CA MET A 40 -20.86 -20.05 -0.87
C MET A 40 -20.29 -21.45 -0.73
C MET A 40 -20.38 -21.48 -0.74
N VAL A 41 -19.95 -22.07 -1.86
CA VAL A 41 -19.43 -23.43 -1.88
C VAL A 41 -18.16 -23.45 -2.70
N ASN A 42 -17.31 -24.43 -2.43
CA ASN A 42 -16.09 -24.62 -3.20
C ASN A 42 -16.36 -25.60 -4.34
N ASP A 43 -15.31 -25.89 -5.12
CA ASP A 43 -15.46 -26.72 -6.30
C ASP A 43 -16.05 -28.09 -5.98
N ASN A 44 -15.76 -28.63 -4.80
CA ASN A 44 -16.28 -29.93 -4.40
C ASN A 44 -17.70 -29.86 -3.85
N GLY A 45 -18.30 -28.68 -3.79
CA GLY A 45 -19.65 -28.53 -3.28
C GLY A 45 -19.74 -28.35 -1.77
N ARG A 46 -18.63 -28.33 -1.07
CA ARG A 46 -18.67 -28.16 0.39
C ARG A 46 -18.98 -26.70 0.73
N PRO A 47 -19.93 -26.45 1.63
CA PRO A 47 -20.28 -25.07 1.95
C PRO A 47 -19.22 -24.38 2.79
N VAL A 48 -19.12 -23.06 2.61
CA VAL A 48 -18.20 -22.22 3.36
C VAL A 48 -18.96 -21.58 4.52
N ALA A 49 -18.39 -21.65 5.71
CA ALA A 49 -19.04 -21.08 6.88
C ALA A 49 -19.16 -19.57 6.73
N GLY A 50 -20.32 -19.04 7.15
CA GLY A 50 -20.55 -17.61 7.11
C GLY A 50 -21.53 -17.20 8.18
N ARG A 51 -21.72 -15.88 8.30
CA ARG A 51 -22.67 -15.34 9.25
C ARG A 51 -23.34 -14.12 8.62
N LEU A 52 -24.62 -13.94 8.95
CA LEU A 52 -25.42 -12.82 8.47
C LEU A 52 -25.57 -11.82 9.61
N SER A 53 -25.36 -10.54 9.30
CA SER A 53 -25.49 -9.52 10.32
C SER A 53 -26.95 -9.43 10.80
N PRO A 54 -27.17 -9.06 12.05
CA PRO A 54 -28.56 -9.00 12.55
C PRO A 54 -29.49 -8.14 11.69
N ASP A 55 -28.99 -7.03 11.14
CA ASP A 55 -29.83 -6.18 10.30
C ASP A 55 -30.05 -6.75 8.91
N GLY A 56 -29.44 -7.90 8.59
CA GLY A 56 -29.66 -8.55 7.31
C GLY A 56 -29.01 -7.88 6.12
N LEU A 57 -28.16 -6.89 6.33
CA LEU A 57 -27.55 -6.16 5.24
C LEU A 57 -26.18 -6.70 4.83
N ARG A 58 -25.49 -7.40 5.72
CA ARG A 58 -24.11 -7.80 5.46
C ARG A 58 -23.92 -9.28 5.78
N TRP A 59 -23.31 -10.00 4.85
CA TRP A 59 -22.90 -11.38 5.05
C TRP A 59 -21.40 -11.49 4.85
N SER A 60 -20.75 -12.33 5.65
CA SER A 60 -19.30 -12.47 5.58
C SER A 60 -18.92 -13.91 5.91
N THR A 61 -17.90 -14.41 5.21
CA THR A 61 -17.34 -15.70 5.54
C THR A 61 -16.68 -15.63 6.92
N THR A 62 -16.81 -16.72 7.69
CA THR A 62 -16.28 -16.79 9.03
C THR A 62 -15.10 -17.74 9.18
N GLU A 63 -14.76 -18.51 8.15
CA GLU A 63 -13.56 -19.31 8.12
C GLU A 63 -12.68 -18.83 6.97
N GLN A 64 -11.38 -19.11 7.06
CA GLN A 64 -10.47 -18.66 6.02
C GLN A 64 -10.65 -19.51 4.78
N LEU A 65 -10.53 -18.88 3.62
CA LEU A 65 -10.65 -19.61 2.36
C LEU A 65 -9.30 -20.25 2.02
N GLY A 66 -9.38 -21.31 1.22
CA GLY A 66 -8.19 -22.06 0.86
C GLY A 66 -7.57 -21.61 -0.45
N TYR A 67 -6.28 -21.90 -0.59
CA TYR A 67 -5.57 -21.70 -1.84
C TYR A 67 -6.09 -22.66 -2.91
N ASN A 68 -5.96 -22.25 -4.17
CA ASN A 68 -6.22 -23.14 -5.30
C ASN A 68 -7.64 -23.70 -5.27
N ARG A 69 -8.60 -22.83 -4.97
CA ARG A 69 -10.01 -23.21 -4.91
C ARG A 69 -10.82 -22.32 -5.83
N ARG A 70 -11.91 -22.87 -6.35
CA ARG A 70 -12.90 -22.12 -7.13
C ARG A 70 -14.17 -22.08 -6.29
N TYR A 71 -14.56 -20.88 -5.87
CA TYR A 71 -15.74 -20.69 -5.03
C TYR A 71 -16.88 -20.12 -5.86
N THR A 72 -18.09 -20.62 -5.62
CA THR A 72 -19.30 -20.12 -6.25
C THR A 72 -20.18 -19.49 -5.18
N LEU A 73 -20.52 -18.22 -5.36
CA LEU A 73 -21.31 -17.45 -4.41
C LEU A 73 -22.67 -17.16 -5.02
N ASN A 74 -23.73 -17.55 -4.30
CA ASN A 74 -25.10 -17.25 -4.69
C ASN A 74 -25.76 -16.43 -3.60
N ALA A 75 -26.45 -15.36 -3.99
CA ALA A 75 -27.06 -14.45 -3.04
C ALA A 75 -28.39 -13.96 -3.59
N THR A 76 -29.33 -13.71 -2.67
CA THR A 76 -30.63 -13.16 -3.01
C THR A 76 -30.96 -12.03 -2.04
N ALA A 77 -31.37 -10.89 -2.59
CA ALA A 77 -31.79 -9.73 -1.82
C ALA A 77 -33.26 -9.45 -2.08
N LEU A 78 -34.00 -9.16 -1.02
CA LEU A 78 -35.42 -8.85 -1.10
C LEU A 78 -35.66 -7.46 -0.56
N GLY A 79 -36.56 -6.72 -1.22
CA GLY A 79 -36.94 -5.40 -0.76
C GLY A 79 -38.35 -5.08 -1.20
N LEU A 80 -38.86 -3.95 -0.70
CA LEU A 80 -40.20 -3.52 -1.08
C LEU A 80 -40.30 -3.30 -2.58
N GLY A 81 -39.21 -2.85 -3.22
CA GLY A 81 -39.23 -2.67 -4.65
C GLY A 81 -39.28 -3.98 -5.41
N GLY A 82 -38.59 -4.99 -4.90
CA GLY A 82 -38.60 -6.28 -5.57
C GLY A 82 -37.52 -7.19 -5.02
N ALA A 83 -37.00 -8.06 -5.90
CA ALA A 83 -35.98 -9.03 -5.53
C ALA A 83 -34.84 -8.96 -6.54
N ALA A 84 -33.67 -9.40 -6.08
CA ALA A 84 -32.47 -9.46 -6.90
C ALA A 84 -31.66 -10.68 -6.52
N THR A 85 -31.07 -11.33 -7.52
CA THR A 85 -30.26 -12.53 -7.32
C THR A 85 -29.03 -12.47 -8.21
N ARG A 86 -27.90 -12.91 -7.66
CA ARG A 86 -26.64 -12.90 -8.38
C ARG A 86 -25.88 -14.18 -8.07
N GLN A 87 -25.13 -14.65 -9.06
CA GLN A 87 -24.23 -15.79 -8.91
C GLN A 87 -22.85 -15.36 -9.39
N LEU A 88 -21.85 -15.50 -8.53
CA LEU A 88 -20.47 -15.17 -8.83
C LEU A 88 -19.60 -16.40 -8.63
N THR A 89 -18.55 -16.50 -9.46
CA THR A 89 -17.55 -17.57 -9.32
C THR A 89 -16.17 -16.94 -9.44
N PHE A 90 -15.27 -17.32 -8.53
CA PHE A 90 -13.93 -16.77 -8.54
C PHE A 90 -12.95 -17.86 -8.12
N GLN A 91 -11.69 -17.67 -8.51
CA GLN A 91 -10.61 -18.61 -8.22
C GLN A 91 -9.59 -17.91 -7.32
N THR A 92 -9.18 -18.58 -6.25
CA THR A 92 -8.25 -17.99 -5.31
C THR A 92 -6.81 -18.17 -5.79
N SER A 93 -5.89 -17.55 -5.05
CA SER A 93 -4.48 -17.63 -5.39
C SER A 93 -4.03 -19.09 -5.51
N SER A 94 -3.15 -19.35 -6.47
CA SER A 94 -2.57 -20.66 -6.68
C SER A 94 -1.08 -20.55 -6.39
N PRO A 95 -0.65 -20.73 -5.13
CA PRO A 95 0.76 -20.51 -4.81
C PRO A 95 1.66 -21.53 -5.50
N ALA A 96 2.83 -21.07 -5.92
CA ALA A 96 3.86 -22.00 -6.39
C ALA A 96 4.55 -22.68 -5.22
N HIS A 97 4.71 -21.97 -4.10
N HIS A 97 4.75 -21.95 -4.11
CA HIS A 97 5.36 -22.54 -2.91
CA HIS A 97 5.39 -22.47 -2.91
C HIS A 97 4.78 -21.86 -1.67
C HIS A 97 4.68 -21.92 -1.68
N LEU A 98 4.92 -22.55 -0.54
CA LEU A 98 4.42 -22.06 0.74
C LEU A 98 5.57 -21.93 1.73
N THR A 99 5.46 -20.93 2.61
CA THR A 99 6.46 -20.71 3.64
C THR A 99 5.77 -20.43 4.97
N MET A 100 6.25 -21.09 6.04
CA MET A 100 5.68 -20.95 7.36
C MET A 100 6.54 -20.01 8.19
N PRO A 101 5.95 -19.02 8.86
CA PRO A 101 6.73 -18.16 9.74
C PRO A 101 6.82 -18.72 11.16
N TYR A 102 7.97 -18.46 11.77
CA TYR A 102 8.21 -18.82 13.16
C TYR A 102 8.62 -17.55 13.89
N VAL A 103 7.96 -17.24 14.99
CA VAL A 103 8.14 -15.97 15.69
C VAL A 103 8.76 -16.23 17.05
N MET A 104 9.69 -15.37 17.44
CA MET A 104 10.33 -15.34 18.75
C MET A 104 10.32 -13.91 19.27
N PRO A 105 10.26 -13.73 20.61
CA PRO A 105 10.22 -14.77 21.65
C PRO A 105 8.86 -15.47 21.75
N GLY A 106 8.77 -16.41 22.69
CA GLY A 106 7.58 -17.20 22.82
C GLY A 106 6.43 -16.42 23.44
N ASP A 107 5.22 -16.91 23.17
CA ASP A 107 4.01 -16.24 23.63
C ASP A 107 3.91 -16.28 25.14
N GLY A 108 3.64 -15.13 25.75
CA GLY A 108 3.57 -15.03 27.19
C GLY A 108 4.89 -14.87 27.91
N GLU A 109 6.01 -14.92 27.19
CA GLU A 109 7.31 -14.85 27.82
C GLU A 109 7.57 -13.47 28.41
N VAL A 110 8.44 -13.44 29.42
CA VAL A 110 9.04 -12.22 29.95
C VAL A 110 10.51 -12.25 29.55
N VAL A 111 10.93 -11.27 28.76
CA VAL A 111 12.26 -11.25 28.18
C VAL A 111 12.97 -9.96 28.62
N GLY A 112 14.30 -9.93 28.37
CA GLY A 112 15.11 -8.79 28.75
C GLY A 112 15.01 -7.60 27.80
N VAL A 113 15.63 -6.50 28.21
CA VAL A 113 15.48 -5.23 27.48
C VAL A 113 16.16 -5.23 26.12
N GLY A 114 16.92 -6.27 25.79
CA GLY A 114 17.58 -6.36 24.51
C GLY A 114 16.94 -7.29 23.51
N GLU A 115 15.79 -7.87 23.85
CA GLU A 115 15.19 -8.91 23.02
C GLU A 115 14.49 -8.28 21.83
N PRO A 116 14.92 -8.55 20.60
CA PRO A 116 14.18 -8.08 19.43
C PRO A 116 13.01 -9.01 19.13
N VAL A 117 12.11 -8.50 18.31
CA VAL A 117 11.10 -9.34 17.67
C VAL A 117 11.75 -10.05 16.50
N ALA A 118 11.49 -11.35 16.37
CA ALA A 118 12.09 -12.16 15.31
C ALA A 118 11.01 -12.92 14.58
N ILE A 119 10.99 -12.79 13.25
CA ILE A 119 10.08 -13.54 12.39
C ILE A 119 10.97 -14.30 11.40
N ARG A 120 11.03 -15.62 11.56
CA ARG A 120 11.83 -16.48 10.71
C ARG A 120 10.93 -17.30 9.81
N PHE A 121 11.19 -17.24 8.51
CA PHE A 121 10.48 -18.05 7.52
C PHE A 121 11.32 -19.26 7.16
N ASP A 122 10.66 -20.35 6.80
CA ASP A 122 11.35 -21.57 6.41
C ASP A 122 11.74 -21.60 4.94
N GLU A 123 11.54 -20.48 4.24
CA GLU A 123 11.94 -20.37 2.85
C GLU A 123 12.46 -18.96 2.61
N ASN A 124 13.26 -18.79 1.56
CA ASN A 124 13.75 -17.47 1.20
C ASN A 124 12.60 -16.58 0.76
N ILE A 125 12.62 -15.33 1.21
CA ILE A 125 11.54 -14.37 0.96
C ILE A 125 12.00 -13.42 -0.15
N ALA A 126 11.33 -13.49 -1.30
CA ALA A 126 11.72 -12.67 -2.44
C ALA A 126 11.22 -11.24 -2.31
N ASP A 127 10.06 -11.04 -1.68
CA ASP A 127 9.47 -9.71 -1.51
C ASP A 127 9.49 -9.38 -0.02
N ARG A 128 10.64 -8.91 0.46
CA ARG A 128 10.78 -8.57 1.86
C ARG A 128 9.77 -7.51 2.27
N GLY A 129 9.53 -6.52 1.41
CA GLY A 129 8.58 -5.48 1.75
C GLY A 129 7.21 -6.03 2.04
N ALA A 130 6.74 -6.96 1.22
CA ALA A 130 5.46 -7.61 1.45
C ALA A 130 5.44 -8.31 2.82
N ALA A 131 6.55 -8.95 3.18
CA ALA A 131 6.62 -9.58 4.50
C ALA A 131 6.50 -8.53 5.60
N GLU A 132 7.29 -7.46 5.51
CA GLU A 132 7.22 -6.41 6.53
C GLU A 132 5.82 -5.82 6.62
N LYS A 133 5.19 -5.58 5.45
CA LYS A 133 3.83 -5.04 5.46
C LYS A 133 2.86 -5.94 6.21
N ALA A 134 3.07 -7.25 6.18
CA ALA A 134 2.13 -8.19 6.79
C ALA A 134 2.36 -8.43 8.28
N ILE A 135 3.29 -7.71 8.90
CA ILE A 135 3.65 -7.91 10.30
C ILE A 135 3.28 -6.63 11.05
N LYS A 136 2.30 -6.73 11.94
CA LYS A 136 1.85 -5.60 12.75
C LYS A 136 2.39 -5.76 14.17
N ILE A 137 3.19 -4.78 14.60
N ILE A 137 3.17 -4.78 14.62
CA ILE A 137 3.82 -4.79 15.91
CA ILE A 137 3.80 -4.83 15.93
C ILE A 137 3.17 -3.68 16.74
C ILE A 137 3.24 -3.70 16.77
N THR A 138 2.61 -4.05 17.89
CA THR A 138 2.03 -3.11 18.82
C THR A 138 2.93 -3.03 20.06
N THR A 139 3.12 -1.83 20.58
CA THR A 139 3.96 -1.61 21.75
C THR A 139 3.24 -0.68 22.72
N ASN A 140 3.34 -1.00 24.01
CA ASN A 140 2.75 -0.19 25.08
C ASN A 140 3.70 -0.13 26.26
N PRO A 141 4.30 1.03 26.57
CA PRO A 141 4.16 2.33 25.89
C PRO A 141 4.69 2.29 24.45
N PRO A 142 3.99 2.95 23.52
CA PRO A 142 4.41 2.87 22.11
C PRO A 142 5.80 3.42 21.93
N VAL A 143 6.55 2.81 21.01
CA VAL A 143 7.91 3.22 20.73
C VAL A 143 8.19 2.95 19.27
N GLU A 144 9.05 3.78 18.68
CA GLU A 144 9.44 3.58 17.30
C GLU A 144 10.39 2.38 17.20
N GLY A 145 10.17 1.55 16.18
CA GLY A 145 11.09 0.49 15.83
C GLY A 145 11.14 0.35 14.32
N ALA A 146 11.90 -0.65 13.87
CA ALA A 146 12.04 -0.85 12.43
C ALA A 146 12.46 -2.28 12.14
N PHE A 147 12.21 -2.71 10.90
CA PHE A 147 12.58 -4.04 10.45
C PHE A 147 13.99 -4.03 9.86
N TYR A 148 14.68 -5.16 10.02
CA TYR A 148 15.99 -5.34 9.41
C TYR A 148 16.20 -6.84 9.24
N TRP A 149 16.68 -7.24 8.06
CA TRP A 149 16.80 -8.65 7.70
C TRP A 149 18.22 -9.14 8.01
N LEU A 150 18.31 -10.16 8.85
CA LEU A 150 19.60 -10.77 9.15
C LEU A 150 20.09 -11.65 8.01
N ASN A 151 19.17 -12.19 7.21
CA ASN A 151 19.48 -13.05 6.08
C ASN A 151 18.22 -13.12 5.21
N ASN A 152 18.21 -14.06 4.27
CA ASN A 152 17.09 -14.15 3.34
C ASN A 152 15.81 -14.65 3.98
N ARG A 153 15.86 -15.14 5.22
CA ARG A 153 14.72 -15.81 5.82
C ARG A 153 14.22 -15.19 7.12
N GLU A 154 15.06 -14.45 7.85
CA GLU A 154 14.69 -13.95 9.16
C GLU A 154 14.79 -12.43 9.22
N VAL A 155 13.73 -11.80 9.71
CA VAL A 155 13.67 -10.36 9.88
C VAL A 155 13.50 -10.06 11.36
N ARG A 156 14.11 -8.96 11.80
CA ARG A 156 14.09 -8.53 13.19
C ARG A 156 13.50 -7.14 13.29
N TRP A 157 12.80 -6.88 14.38
CA TRP A 157 12.21 -5.57 14.66
C TRP A 157 12.60 -5.17 16.08
N ARG A 158 13.15 -3.97 16.23
CA ARG A 158 13.57 -3.49 17.53
C ARG A 158 13.54 -1.97 17.53
N PRO A 159 13.55 -1.34 18.70
CA PRO A 159 13.66 0.11 18.76
C PRO A 159 15.11 0.60 18.73
N GLU A 160 15.28 1.93 18.76
CA GLU A 160 16.60 2.54 18.71
C GLU A 160 17.43 2.18 19.93
N HIS A 161 16.84 2.27 21.11
CA HIS A 161 17.49 1.95 22.37
C HIS A 161 16.86 0.68 22.94
N PHE A 162 17.51 0.14 23.98
CA PHE A 162 16.97 -1.02 24.67
C PHE A 162 15.53 -0.74 25.08
N TRP A 163 14.74 -1.81 25.16
CA TRP A 163 13.35 -1.68 25.57
C TRP A 163 13.25 -1.06 26.96
N LYS A 164 12.16 -0.37 27.21
CA LYS A 164 11.87 0.05 28.58
C LYS A 164 11.24 -1.11 29.35
N PRO A 165 11.70 -1.41 30.56
CA PRO A 165 11.05 -2.47 31.33
C PRO A 165 9.55 -2.21 31.46
N GLY A 166 8.77 -3.30 31.41
CA GLY A 166 7.34 -3.22 31.55
C GLY A 166 6.59 -2.99 30.27
N THR A 167 7.29 -2.88 29.14
CA THR A 167 6.63 -2.65 27.87
C THR A 167 5.93 -3.93 27.41
N ALA A 168 4.70 -3.77 26.94
CA ALA A 168 3.96 -4.86 26.31
C ALA A 168 4.23 -4.83 24.81
N VAL A 169 4.47 -6.00 24.23
CA VAL A 169 4.76 -6.13 22.81
C VAL A 169 3.83 -7.20 22.25
N ASP A 170 3.17 -6.87 21.13
CA ASP A 170 2.25 -7.79 20.47
C ASP A 170 2.65 -7.91 19.02
N VAL A 171 2.71 -9.14 18.51
CA VAL A 171 3.22 -9.41 17.18
C VAL A 171 2.19 -10.24 16.42
N ALA A 172 1.66 -9.70 15.34
CA ALA A 172 0.72 -10.40 14.48
C ALA A 172 1.33 -10.54 13.10
N VAL A 173 1.74 -11.77 12.75
CA VAL A 173 2.27 -12.07 11.42
C VAL A 173 1.11 -12.59 10.60
N ASN A 174 0.57 -11.73 9.73
CA ASN A 174 -0.62 -12.06 8.94
C ASN A 174 -0.19 -12.33 7.50
N THR A 175 0.53 -13.44 7.32
CA THR A 175 1.10 -13.78 6.03
C THR A 175 0.23 -14.74 5.22
N TYR A 176 -0.84 -15.27 5.81
CA TYR A 176 -1.71 -16.16 5.06
C TYR A 176 -2.40 -15.38 3.94
N GLY A 177 -2.39 -15.94 2.74
CA GLY A 177 -2.94 -15.28 1.59
C GLY A 177 -2.10 -14.15 1.03
N VAL A 178 -0.92 -13.92 1.59
CA VAL A 178 -0.03 -12.85 1.16
C VAL A 178 0.98 -13.42 0.19
N ASP A 179 1.11 -12.77 -0.97
CA ASP A 179 2.14 -13.13 -1.95
C ASP A 179 3.47 -12.56 -1.47
N LEU A 180 4.35 -13.44 -1.00
CA LEU A 180 5.68 -13.04 -0.53
C LEU A 180 6.71 -13.05 -1.64
N GLY A 181 6.29 -13.10 -2.91
CA GLY A 181 7.19 -13.02 -4.03
C GLY A 181 7.46 -14.36 -4.69
N GLU A 182 7.53 -14.35 -6.02
CA GLU A 182 7.84 -15.55 -6.80
C GLU A 182 6.86 -16.68 -6.50
N GLY A 183 5.58 -16.35 -6.37
CA GLY A 183 4.58 -17.35 -6.08
C GLY A 183 4.64 -17.95 -4.70
N MET A 184 5.46 -17.39 -3.81
CA MET A 184 5.60 -17.87 -2.45
C MET A 184 4.55 -17.19 -1.56
N PHE A 185 3.64 -17.98 -1.02
CA PHE A 185 2.57 -17.46 -0.16
C PHE A 185 2.72 -18.01 1.25
N GLY A 186 2.25 -17.23 2.22
CA GLY A 186 2.34 -17.63 3.61
C GLY A 186 1.47 -18.83 3.91
N GLU A 187 2.02 -19.80 4.63
CA GLU A 187 1.30 -21.02 4.94
C GLU A 187 0.27 -20.81 6.02
N ASP A 188 0.48 -19.85 6.91
CA ASP A 188 -0.46 -19.59 7.99
C ASP A 188 -0.07 -18.28 8.67
N ASN A 189 -0.94 -17.82 9.56
CA ASN A 189 -0.67 -16.66 10.39
C ASN A 189 -0.13 -17.11 11.74
N VAL A 190 0.61 -16.23 12.40
CA VAL A 190 1.09 -16.47 13.76
C VAL A 190 0.95 -15.19 14.56
N GLN A 191 0.73 -15.35 15.87
CA GLN A 191 0.35 -14.25 16.76
C GLN A 191 0.94 -14.52 18.14
N THR A 192 1.90 -13.70 18.57
CA THR A 192 2.55 -13.86 19.86
C THR A 192 2.57 -12.53 20.60
N HIS A 193 2.77 -12.63 21.92
CA HIS A 193 2.76 -11.47 22.80
C HIS A 193 3.75 -11.73 23.92
N PHE A 194 4.53 -10.71 24.29
CA PHE A 194 5.50 -10.85 25.35
C PHE A 194 5.67 -9.51 26.07
N THR A 195 6.40 -9.55 27.17
CA THR A 195 6.59 -8.38 28.03
C THR A 195 8.05 -8.23 28.42
N ILE A 196 8.50 -6.99 28.51
CA ILE A 196 9.88 -6.69 28.89
C ILE A 196 9.98 -6.63 30.41
N GLY A 197 10.97 -7.33 30.96
CA GLY A 197 11.22 -7.39 32.39
C GLY A 197 12.34 -6.49 32.85
N ASP A 198 13.03 -6.93 33.90
CA ASP A 198 14.07 -6.12 34.52
C ASP A 198 15.20 -5.81 33.54
N GLU A 199 15.83 -4.65 33.73
CA GLU A 199 17.05 -4.32 33.01
C GLU A 199 18.22 -5.09 33.62
N VAL A 200 18.85 -5.95 32.82
CA VAL A 200 20.00 -6.74 33.26
C VAL A 200 21.07 -6.61 32.19
N ILE A 201 22.16 -5.93 32.53
CA ILE A 201 23.26 -5.66 31.60
C ILE A 201 24.54 -6.12 32.27
N ALA A 202 25.17 -7.15 31.70
CA ALA A 202 26.46 -7.64 32.19
C ALA A 202 27.56 -7.12 31.26
N THR A 203 28.59 -6.52 31.85
CA THR A 203 29.70 -5.95 31.11
C THR A 203 30.96 -6.74 31.41
N ALA A 204 31.62 -7.24 30.36
CA ALA A 204 32.89 -7.95 30.46
C ALA A 204 33.99 -7.04 29.92
N ASP A 205 34.84 -6.54 30.82
CA ASP A 205 35.89 -5.60 30.48
C ASP A 205 37.23 -6.34 30.44
N ASP A 206 37.84 -6.39 29.26
CA ASP A 206 39.08 -7.14 29.11
C ASP A 206 40.24 -6.53 29.86
N ASN A 207 40.18 -5.25 30.21
CA ASN A 207 41.26 -4.64 30.99
C ASN A 207 41.28 -5.20 32.40
N THR A 208 40.10 -5.45 32.98
CA THR A 208 40.00 -6.04 34.31
C THR A 208 39.75 -7.54 34.28
N LYS A 209 39.23 -8.06 33.16
CA LYS A 209 38.86 -9.48 33.06
C LYS A 209 37.84 -9.86 34.13
N ILE A 210 36.88 -8.97 34.34
CA ILE A 210 35.78 -9.17 35.28
C ILE A 210 34.47 -9.04 34.49
N LEU A 211 33.54 -9.98 34.73
CA LEU A 211 32.19 -9.90 34.19
C LEU A 211 31.27 -9.41 35.30
N THR A 212 30.82 -8.16 35.19
CA THR A 212 30.00 -7.51 36.20
C THR A 212 28.55 -7.49 35.76
N VAL A 213 27.66 -7.99 36.62
CA VAL A 213 26.24 -8.07 36.33
C VAL A 213 25.54 -6.92 37.04
N ARG A 214 24.82 -6.10 36.29
CA ARG A 214 24.05 -4.99 36.82
C ARG A 214 22.58 -5.22 36.57
N VAL A 215 21.79 -5.12 37.64
CA VAL A 215 20.35 -5.32 37.58
C VAL A 215 19.71 -3.99 37.95
N ASN A 216 19.06 -3.36 36.98
CA ASN A 216 18.46 -2.04 37.17
C ASN A 216 19.50 -1.03 37.64
N GLY A 217 20.71 -1.15 37.11
CA GLY A 217 21.76 -0.18 37.38
C GLY A 217 22.60 -0.46 38.60
N GLU A 218 22.27 -1.49 39.38
CA GLU A 218 23.03 -1.83 40.58
C GLU A 218 23.86 -3.07 40.29
N VAL A 219 25.13 -3.04 40.72
CA VAL A 219 26.00 -4.20 40.61
C VAL A 219 25.55 -5.25 41.62
N VAL A 220 25.21 -6.43 41.13
CA VAL A 220 24.79 -7.53 41.99
C VAL A 220 25.74 -8.71 41.94
N LYS A 221 26.67 -8.75 40.99
CA LYS A 221 27.61 -9.86 40.91
C LYS A 221 28.83 -9.39 40.13
N SER A 222 30.01 -9.83 40.58
CA SER A 222 31.27 -9.55 39.91
C SER A 222 31.98 -10.87 39.70
N MET A 223 32.18 -11.25 38.46
CA MET A 223 32.68 -12.60 38.12
C MET A 223 34.03 -12.52 37.45
N PRO A 224 35.11 -12.98 38.09
CA PRO A 224 36.37 -13.17 37.35
C PRO A 224 36.12 -14.05 36.14
N THR A 225 36.71 -13.69 35.01
CA THR A 225 36.47 -14.42 33.77
C THR A 225 37.74 -14.55 32.97
N SER A 226 37.80 -15.62 32.18
CA SER A 226 38.84 -15.81 31.17
C SER A 226 38.15 -15.87 29.81
N MET A 227 38.48 -14.92 28.93
CA MET A 227 37.87 -14.81 27.62
C MET A 227 38.80 -15.43 26.57
N GLY A 228 38.55 -15.14 25.30
CA GLY A 228 39.31 -15.79 24.25
C GLY A 228 40.76 -15.33 24.24
N LYS A 229 41.66 -16.28 24.03
CA LYS A 229 43.07 -15.96 23.87
C LYS A 229 43.28 -15.16 22.59
N ASP A 230 44.46 -14.52 22.50
CA ASP A 230 44.70 -13.60 21.39
C ASP A 230 44.43 -14.25 20.03
N SER A 231 44.76 -15.54 19.89
CA SER A 231 44.58 -16.20 18.60
C SER A 231 43.13 -16.51 18.30
N THR A 232 42.30 -16.66 19.35
CA THR A 232 40.87 -16.91 19.20
C THR A 232 40.12 -15.98 20.17
N PRO A 233 40.21 -14.68 19.95
CA PRO A 233 39.70 -13.73 20.94
C PRO A 233 38.18 -13.66 20.94
N THR A 234 37.65 -13.07 22.02
CA THR A 234 36.24 -12.76 22.11
C THR A 234 36.00 -11.40 21.48
N ALA A 235 35.07 -11.33 20.55
CA ALA A 235 34.76 -10.07 19.89
C ALA A 235 34.11 -9.11 20.87
N ASN A 236 34.41 -7.82 20.69
CA ASN A 236 33.71 -6.78 21.43
C ASN A 236 32.32 -6.57 20.85
N GLY A 237 31.47 -5.94 21.65
CA GLY A 237 30.18 -5.50 21.18
C GLY A 237 29.08 -5.89 22.13
N ILE A 238 27.85 -5.77 21.64
CA ILE A 238 26.65 -6.03 22.42
C ILE A 238 26.13 -7.41 22.05
N TYR A 239 25.95 -8.26 23.05
CA TYR A 239 25.41 -9.60 22.85
C TYR A 239 24.04 -9.69 23.49
N ILE A 240 23.12 -10.36 22.80
CA ILE A 240 21.79 -10.66 23.36
C ILE A 240 21.83 -12.06 23.96
N VAL A 241 21.42 -12.18 25.22
CA VAL A 241 21.36 -13.50 25.85
C VAL A 241 20.30 -14.35 25.16
N GLY A 242 20.65 -15.61 24.90
CA GLY A 242 19.74 -16.54 24.26
C GLY A 242 19.35 -17.69 25.18
N SER A 243 19.65 -18.91 24.76
CA SER A 243 19.17 -20.09 25.48
C SER A 243 20.08 -20.43 26.66
N ARG A 244 19.49 -21.11 27.66
CA ARG A 244 20.17 -21.56 28.86
C ARG A 244 20.28 -23.08 28.86
N TYR A 245 21.40 -23.59 29.38
CA TYR A 245 21.65 -25.02 29.43
C TYR A 245 22.27 -25.43 30.74
N LYS A 246 21.60 -26.34 31.47
CA LYS A 246 22.23 -26.94 32.64
C LYS A 246 23.57 -27.58 32.29
N HIS A 247 23.68 -28.10 31.07
CA HIS A 247 24.93 -28.62 30.53
C HIS A 247 24.72 -28.81 29.03
N ILE A 248 25.80 -28.71 28.26
CA ILE A 248 25.71 -28.83 26.81
C ILE A 248 27.05 -29.35 26.29
N ILE A 249 26.97 -30.26 25.32
CA ILE A 249 28.15 -30.74 24.62
C ILE A 249 28.54 -29.69 23.59
N MET A 250 29.68 -29.05 23.79
CA MET A 250 30.19 -28.07 22.85
C MET A 250 30.94 -28.80 21.74
N ASP A 251 30.54 -28.57 20.49
CA ASP A 251 31.13 -29.24 19.33
C ASP A 251 31.47 -28.20 18.28
N SER A 252 32.77 -28.01 18.03
CA SER A 252 33.19 -26.99 17.07
C SER A 252 32.70 -27.30 15.67
N SER A 253 32.54 -28.59 15.34
CA SER A 253 32.10 -28.97 14.00
C SER A 253 30.76 -28.36 13.63
N THR A 254 29.96 -27.98 14.63
CA THR A 254 28.70 -27.30 14.35
C THR A 254 28.92 -25.90 13.76
N TYR A 255 30.14 -25.36 13.88
CA TYR A 255 30.47 -24.05 13.35
C TYR A 255 31.40 -24.15 12.14
N GLY A 256 31.50 -25.33 11.54
CA GLY A 256 32.38 -25.54 10.41
C GLY A 256 33.83 -25.82 10.76
N VAL A 257 34.17 -25.90 12.04
CA VAL A 257 35.54 -26.11 12.48
C VAL A 257 35.69 -27.58 12.86
N PRO A 258 36.39 -28.39 12.07
CA PRO A 258 36.58 -29.80 12.43
C PRO A 258 37.15 -29.93 13.84
N VAL A 259 36.68 -30.94 14.56
CA VAL A 259 37.14 -31.14 15.93
C VAL A 259 38.64 -31.41 15.95
N ASN A 260 39.14 -32.17 14.98
CA ASN A 260 40.54 -32.56 14.94
C ASN A 260 41.46 -31.45 14.44
N SER A 261 40.94 -30.25 14.20
N SER A 261 40.94 -30.25 14.20
CA SER A 261 41.76 -29.13 13.75
CA SER A 261 41.76 -29.13 13.75
C SER A 261 42.37 -28.42 14.94
C SER A 261 42.37 -28.42 14.94
N PRO A 262 43.37 -27.57 14.71
CA PRO A 262 44.01 -26.87 15.84
C PRO A 262 43.04 -26.12 16.73
N ASN A 263 42.09 -25.38 16.15
CA ASN A 263 41.11 -24.64 16.92
C ASN A 263 39.85 -25.45 17.21
N GLY A 264 39.78 -26.71 16.78
CA GLY A 264 38.62 -27.53 17.06
C GLY A 264 38.56 -27.97 18.51
N TYR A 265 37.39 -28.47 18.88
CA TYR A 265 37.17 -28.89 20.26
C TYR A 265 35.87 -29.68 20.33
N ARG A 266 35.77 -30.51 21.37
CA ARG A 266 34.52 -31.20 21.68
C ARG A 266 34.58 -31.58 23.16
N THR A 267 33.79 -30.90 23.98
CA THR A 267 33.76 -31.17 25.42
C THR A 267 32.37 -30.85 25.94
N ASP A 268 32.10 -31.34 27.15
CA ASP A 268 30.83 -31.13 27.84
C ASP A 268 31.05 -30.16 28.98
N VAL A 269 30.23 -29.11 29.03
CA VAL A 269 30.37 -28.07 30.03
C VAL A 269 29.03 -27.90 30.75
N ASP A 270 29.10 -27.34 31.96
CA ASP A 270 27.94 -27.09 32.78
C ASP A 270 27.54 -25.62 32.71
N TRP A 271 26.27 -25.37 33.01
CA TRP A 271 25.72 -24.03 33.24
C TRP A 271 26.14 -23.05 32.15
N ALA A 272 25.72 -23.34 30.93
CA ALA A 272 26.10 -22.56 29.76
C ALA A 272 24.96 -21.67 29.32
N THR A 273 25.23 -20.38 29.17
CA THR A 273 24.28 -19.42 28.62
C THR A 273 24.80 -18.93 27.27
N GLN A 274 24.02 -19.15 26.23
CA GLN A 274 24.37 -18.70 24.88
C GLN A 274 24.20 -17.19 24.76
N ILE A 275 25.17 -16.53 24.10
CA ILE A 275 25.08 -15.11 23.84
C ILE A 275 25.43 -14.75 22.40
N SER A 276 25.80 -15.71 21.56
CA SER A 276 25.97 -15.42 20.14
C SER A 276 25.78 -16.72 19.35
N TYR A 277 25.22 -16.58 18.15
CA TYR A 277 25.13 -17.72 17.25
C TYR A 277 26.51 -18.22 16.84
N SER A 278 27.50 -17.32 16.80
CA SER A 278 28.85 -17.72 16.45
C SER A 278 29.46 -18.66 17.47
N GLY A 279 28.87 -18.80 18.65
CA GLY A 279 29.26 -19.84 19.59
C GLY A 279 29.80 -19.35 20.92
N VAL A 280 29.63 -18.07 21.22
CA VAL A 280 30.12 -17.54 22.48
C VAL A 280 29.11 -17.84 23.58
N PHE A 281 29.60 -18.37 24.69
CA PHE A 281 28.78 -18.68 25.85
C PHE A 281 29.46 -18.12 27.10
N VAL A 282 28.65 -17.96 28.15
CA VAL A 282 29.14 -17.90 29.53
C VAL A 282 28.90 -19.28 30.12
N HIS A 283 29.94 -19.92 30.64
CA HIS A 283 29.79 -21.30 31.10
C HIS A 283 30.79 -21.58 32.22
N SER A 284 30.53 -22.68 32.92
CA SER A 284 31.45 -23.13 33.97
C SER A 284 32.76 -23.59 33.35
N ALA A 285 33.87 -23.18 33.97
CA ALA A 285 35.21 -23.56 33.52
C ALA A 285 36.09 -23.81 34.73
N PRO A 286 35.93 -24.96 35.39
CA PRO A 286 36.80 -25.26 36.54
C PRO A 286 38.27 -25.34 36.18
N TRP A 287 38.60 -25.66 34.92
CA TRP A 287 40.00 -25.81 34.52
C TRP A 287 40.74 -24.48 34.40
N SER A 288 40.04 -23.35 34.40
CA SER A 288 40.69 -22.06 34.22
C SER A 288 40.38 -21.09 35.35
N VAL A 289 39.95 -21.59 36.52
CA VAL A 289 39.69 -20.70 37.64
C VAL A 289 40.92 -19.88 37.98
N GLY A 290 42.11 -20.49 37.86
CA GLY A 290 43.34 -19.78 38.15
C GLY A 290 43.62 -18.64 37.19
N ALA A 291 43.22 -18.79 35.93
CA ALA A 291 43.40 -17.75 34.93
C ALA A 291 42.26 -16.74 34.92
N GLN A 292 41.08 -17.12 35.39
CA GLN A 292 39.95 -16.20 35.41
C GLN A 292 40.30 -14.97 36.24
N GLY A 293 40.12 -13.80 35.65
CA GLY A 293 40.49 -12.54 36.27
C GLY A 293 41.92 -12.13 36.06
N HIS A 294 42.65 -12.78 35.15
CA HIS A 294 44.07 -12.50 34.95
C HIS A 294 44.46 -12.60 33.49
N THR A 295 44.20 -13.74 32.85
CA THR A 295 44.61 -13.97 31.48
C THR A 295 43.51 -14.69 30.72
N ASN A 296 43.51 -14.51 29.39
CA ASN A 296 42.52 -15.14 28.52
C ASN A 296 43.06 -16.45 27.97
N THR A 297 42.21 -17.48 27.98
CA THR A 297 42.65 -18.81 27.59
C THR A 297 41.62 -19.60 26.79
N SER A 298 40.46 -19.09 26.36
CA SER A 298 39.40 -19.91 25.76
C SER A 298 39.39 -19.73 24.25
N HIS A 299 38.44 -20.39 23.60
CA HIS A 299 38.24 -20.30 22.14
C HIS A 299 37.30 -19.12 21.85
N GLY A 300 36.96 -18.35 22.89
CA GLY A 300 36.06 -17.18 22.75
C GLY A 300 34.95 -17.10 23.79
N CYS A 301 34.72 -18.16 24.56
CA CYS A 301 33.69 -18.16 25.64
C CYS A 301 34.14 -17.36 26.84
N LEU A 302 33.17 -16.92 27.63
CA LEU A 302 33.49 -16.24 28.89
C LEU A 302 33.56 -17.34 29.95
N ASN A 303 34.77 -17.79 30.23
CA ASN A 303 34.99 -18.85 31.25
C ASN A 303 34.80 -18.20 32.61
N VAL A 304 33.87 -18.72 33.40
CA VAL A 304 33.66 -18.27 34.76
C VAL A 304 33.65 -19.49 35.68
N SER A 305 33.69 -19.23 36.99
CA SER A 305 33.69 -20.30 37.97
C SER A 305 32.37 -21.07 37.91
N PRO A 306 32.37 -22.32 38.39
CA PRO A 306 31.10 -23.07 38.42
C PRO A 306 29.99 -22.36 39.15
N SER A 307 30.27 -21.76 40.32
CA SER A 307 29.22 -21.08 41.06
C SER A 307 28.74 -19.83 40.34
N ASN A 308 29.62 -19.14 39.61
CA ASN A 308 29.21 -17.94 38.89
C ASN A 308 28.47 -18.29 37.61
N ALA A 309 28.87 -19.37 36.93
CA ALA A 309 28.12 -19.82 35.77
C ALA A 309 26.70 -20.22 36.16
N GLN A 310 26.54 -20.93 37.26
CA GLN A 310 25.20 -21.30 37.71
C GLN A 310 24.41 -20.07 38.11
N TRP A 311 25.03 -19.14 38.85
CA TRP A 311 24.35 -17.90 39.18
C TRP A 311 23.86 -17.20 37.93
N PHE A 312 24.72 -17.10 36.91
CA PHE A 312 24.32 -16.48 35.65
C PHE A 312 23.15 -17.23 35.02
N TYR A 313 23.19 -18.57 35.08
CA TYR A 313 22.08 -19.37 34.57
C TYR A 313 20.78 -19.06 35.30
N ASP A 314 20.83 -18.91 36.62
CA ASP A 314 19.61 -18.73 37.39
C ASP A 314 19.08 -17.31 37.32
N HIS A 315 19.95 -16.31 37.15
CA HIS A 315 19.55 -14.91 37.31
C HIS A 315 19.51 -14.11 36.02
N VAL A 316 19.95 -14.68 34.90
CA VAL A 316 19.89 -14.01 33.61
C VAL A 316 18.88 -14.75 32.74
N LYS A 317 18.20 -13.99 31.87
CA LYS A 317 17.09 -14.51 31.09
C LYS A 317 17.25 -14.08 29.64
N ARG A 318 16.56 -14.80 28.75
N ARG A 318 16.55 -14.79 28.75
CA ARG A 318 16.58 -14.47 27.33
CA ARG A 318 16.58 -14.47 27.33
C ARG A 318 16.27 -12.99 27.14
C ARG A 318 16.26 -13.00 27.13
N GLY A 319 17.08 -12.32 26.33
CA GLY A 319 16.92 -10.91 26.07
C GLY A 319 17.74 -9.99 26.94
N ASP A 320 18.30 -10.50 28.04
CA ASP A 320 19.27 -9.71 28.78
C ASP A 320 20.49 -9.46 27.90
N ILE A 321 21.35 -8.56 28.36
CA ILE A 321 22.42 -8.01 27.55
C ILE A 321 23.77 -8.34 28.18
N VAL A 322 24.70 -8.82 27.35
CA VAL A 322 26.11 -8.91 27.68
C VAL A 322 26.87 -8.01 26.70
N GLU A 323 27.71 -7.14 27.23
CA GLU A 323 28.58 -6.30 26.42
C GLU A 323 30.04 -6.59 26.74
N VAL A 324 30.83 -6.81 25.70
CA VAL A 324 32.27 -7.03 25.83
C VAL A 324 33.01 -5.80 25.34
N VAL A 325 34.04 -5.40 26.07
CA VAL A 325 34.80 -4.20 25.73
C VAL A 325 36.28 -4.47 25.92
N ASN A 326 37.09 -3.83 25.08
CA ASN A 326 38.54 -3.74 25.23
C ASN A 326 39.27 -5.05 24.95
N THR A 327 38.68 -5.96 24.17
CA THR A 327 39.40 -7.16 23.76
C THR A 327 40.23 -6.86 22.50
N VAL A 328 41.15 -7.78 22.19
CA VAL A 328 41.93 -7.67 20.96
C VAL A 328 41.15 -8.05 19.71
N GLY A 329 39.92 -8.55 19.86
CA GLY A 329 39.11 -8.93 18.72
C GLY A 329 38.40 -7.77 18.08
N GLY A 330 37.67 -8.08 17.01
CA GLY A 330 36.83 -7.10 16.34
C GLY A 330 35.53 -6.89 17.10
N THR A 331 34.49 -6.52 16.36
CA THR A 331 33.16 -6.34 16.91
C THR A 331 32.25 -7.46 16.42
N LEU A 332 31.38 -7.93 17.30
CA LEU A 332 30.43 -8.98 16.92
C LEU A 332 29.61 -8.53 15.72
N PRO A 333 29.46 -9.36 14.69
CA PRO A 333 28.68 -8.95 13.51
C PRO A 333 27.22 -8.67 13.84
N GLY A 334 26.68 -7.62 13.23
CA GLY A 334 25.32 -7.23 13.51
C GLY A 334 24.31 -8.30 13.12
N ILE A 335 24.65 -9.12 12.14
CA ILE A 335 23.73 -10.13 11.63
C ILE A 335 24.04 -11.51 12.23
N ASP A 336 24.81 -11.56 13.31
CA ASP A 336 25.16 -12.83 13.93
C ASP A 336 23.92 -13.65 14.27
N GLY A 337 22.84 -13.00 14.67
CA GLY A 337 21.67 -13.65 15.25
C GLY A 337 21.36 -13.17 16.65
N LEU A 338 22.38 -12.74 17.38
CA LEU A 338 22.23 -12.13 18.70
C LEU A 338 23.05 -10.84 18.81
N GLY A 339 23.49 -10.30 17.67
CA GLY A 339 24.27 -9.08 17.66
C GLY A 339 23.53 -7.89 17.09
N ASP A 340 22.18 -7.97 17.09
CA ASP A 340 21.37 -6.96 16.44
C ASP A 340 21.78 -5.54 16.83
N TRP A 341 22.08 -5.33 18.11
CA TRP A 341 22.34 -3.98 18.60
C TRP A 341 23.69 -3.42 18.17
N ASN A 342 24.49 -4.18 17.41
CA ASN A 342 25.74 -3.67 16.88
C ASN A 342 25.56 -2.94 15.56
N ILE A 343 24.41 -3.07 14.93
CA ILE A 343 24.10 -2.29 13.73
C ILE A 343 23.71 -0.87 14.16
N PRO A 344 24.34 0.17 13.61
CA PRO A 344 23.93 1.54 13.94
C PRO A 344 22.46 1.76 13.65
N TRP A 345 21.80 2.53 14.53
CA TRP A 345 20.36 2.73 14.42
C TRP A 345 19.97 3.28 13.06
N ASP A 346 20.73 4.26 12.55
CA ASP A 346 20.38 4.86 11.25
C ASP A 346 20.38 3.80 10.16
N GLN A 347 21.36 2.89 10.18
CA GLN A 347 21.38 1.79 9.23
C GLN A 347 20.21 0.84 9.48
N TRP A 348 19.99 0.45 10.73
CA TRP A 348 18.87 -0.44 11.03
C TRP A 348 17.55 0.21 10.63
N ARG A 349 17.38 1.50 10.96
CA ARG A 349 16.14 2.20 10.68
C ARG A 349 15.84 2.22 9.18
N ALA A 350 16.87 2.46 8.35
CA ALA A 350 16.66 2.46 6.91
C ALA A 350 16.35 1.07 6.38
N GLY A 351 16.62 0.03 7.14
CA GLY A 351 16.25 -1.31 6.73
C GLY A 351 16.98 -1.78 5.50
N ASN A 352 16.54 -2.94 4.99
CA ASN A 352 17.15 -3.56 3.84
C ASN A 352 16.14 -4.42 3.09
N ALA A 353 14.90 -3.93 2.98
CA ALA A 353 13.91 -4.66 2.20
C ALA A 353 14.22 -4.64 0.71
N LYS A 354 15.16 -3.82 0.28
CA LYS A 354 15.47 -3.62 -1.14
C LYS A 354 14.23 -3.12 -1.87
N LEU B 5 -24.72 -4.08 -64.33
CA LEU B 5 -25.23 -3.78 -63.00
C LEU B 5 -25.31 -2.27 -62.76
N VAL B 6 -26.40 -1.83 -62.14
CA VAL B 6 -26.58 -0.42 -61.80
C VAL B 6 -25.94 -0.17 -60.43
N PRO B 7 -25.17 0.89 -60.27
CA PRO B 7 -24.50 1.11 -58.97
C PRO B 7 -25.50 1.40 -57.86
N LYS B 8 -25.12 1.01 -56.65
CA LYS B 8 -25.93 1.22 -55.45
C LYS B 8 -25.23 2.19 -54.51
N LEU B 9 -26.01 3.03 -53.84
CA LEU B 9 -25.50 4.05 -52.93
C LEU B 9 -26.13 3.86 -51.56
N THR B 10 -25.29 3.68 -50.54
CA THR B 10 -25.75 3.58 -49.16
C THR B 10 -24.89 4.49 -48.30
N ALA B 11 -25.51 5.01 -47.24
CA ALA B 11 -24.86 5.96 -46.36
C ALA B 11 -24.95 5.46 -44.93
N SER B 12 -24.09 6.03 -44.08
CA SER B 12 -24.14 5.77 -42.65
C SER B 12 -25.24 6.54 -41.95
N VAL B 13 -25.99 7.35 -42.71
CA VAL B 13 -27.24 7.96 -42.29
C VAL B 13 -28.28 7.58 -43.33
N THR B 14 -29.55 7.82 -43.00
CA THR B 14 -30.64 7.56 -43.91
C THR B 14 -31.48 8.82 -44.12
N ASP B 15 -32.15 8.88 -45.26
CA ASP B 15 -32.95 10.06 -45.63
C ASP B 15 -34.06 10.30 -44.61
N GLY B 16 -34.19 11.55 -44.17
CA GLY B 16 -35.18 11.93 -43.20
C GLY B 16 -34.81 11.68 -41.75
N ALA B 17 -33.58 11.22 -41.49
CA ALA B 17 -33.18 10.90 -40.13
C ALA B 17 -33.08 12.18 -39.30
N VAL B 18 -33.52 12.08 -38.04
CA VAL B 18 -33.38 13.16 -37.07
C VAL B 18 -32.65 12.59 -35.86
N GLY B 19 -32.09 13.50 -35.06
CA GLY B 19 -31.32 13.07 -33.90
C GLY B 19 -30.02 12.38 -34.25
N VAL B 20 -29.48 12.64 -35.44
CA VAL B 20 -28.23 12.04 -35.84
C VAL B 20 -27.12 12.57 -34.94
N THR B 21 -26.37 11.66 -34.32
CA THR B 21 -25.31 12.06 -33.39
C THR B 21 -24.05 12.44 -34.15
N VAL B 22 -23.39 13.49 -33.68
CA VAL B 22 -22.20 14.01 -34.33
C VAL B 22 -20.92 13.48 -33.69
N ASP B 23 -21.01 12.36 -32.98
CA ASP B 23 -19.83 11.71 -32.42
C ASP B 23 -19.10 10.84 -33.44
N ALA B 24 -19.59 10.75 -34.67
CA ALA B 24 -18.94 9.93 -35.68
C ALA B 24 -19.09 10.60 -37.04
N PRO B 25 -18.15 10.36 -37.95
CA PRO B 25 -18.29 10.93 -39.30
C PRO B 25 -19.42 10.26 -40.07
N VAL B 26 -19.85 10.93 -41.12
CA VAL B 26 -20.84 10.39 -42.04
C VAL B 26 -20.13 9.92 -43.29
N SER B 27 -20.52 8.75 -43.79
CA SER B 27 -19.88 8.15 -44.95
C SER B 27 -20.92 7.76 -45.98
N VAL B 28 -20.44 7.58 -47.21
CA VAL B 28 -21.25 7.13 -48.34
C VAL B 28 -20.45 6.07 -49.08
N THR B 29 -21.10 4.96 -49.40
CA THR B 29 -20.44 3.81 -50.03
C THR B 29 -21.15 3.44 -51.32
N ALA B 30 -20.36 3.08 -52.33
CA ALA B 30 -20.88 2.64 -53.61
C ALA B 30 -20.64 1.15 -53.80
N ALA B 31 -21.67 0.46 -54.30
CA ALA B 31 -21.57 -0.94 -54.69
C ALA B 31 -21.88 -1.05 -56.18
N ASP B 32 -21.20 -2.00 -56.84
CA ASP B 32 -21.39 -2.23 -58.28
C ASP B 32 -21.09 -0.95 -59.07
N GLY B 33 -20.08 -0.21 -58.62
CA GLY B 33 -19.71 1.03 -59.26
C GLY B 33 -18.80 1.83 -58.36
N VAL B 34 -18.53 3.06 -58.79
CA VAL B 34 -17.65 3.95 -58.05
C VAL B 34 -18.35 5.29 -57.88
N LEU B 35 -17.99 6.00 -56.81
CA LEU B 35 -18.53 7.31 -56.55
C LEU B 35 -17.86 8.33 -57.46
N ALA B 36 -18.64 9.00 -58.29
CA ALA B 36 -18.10 10.07 -59.12
C ALA B 36 -17.96 11.36 -58.33
N ALA B 37 -18.90 11.64 -57.43
CA ALA B 37 -18.82 12.84 -56.62
C ALA B 37 -19.81 12.75 -55.48
N VAL B 38 -19.44 13.39 -54.37
CA VAL B 38 -20.29 13.46 -53.19
C VAL B 38 -20.15 14.87 -52.62
N THR B 39 -21.29 15.50 -52.32
CA THR B 39 -21.30 16.81 -51.71
C THR B 39 -22.21 16.78 -50.51
N MET B 40 -21.83 17.53 -49.48
N MET B 40 -21.80 17.47 -49.44
CA MET B 40 -22.63 17.67 -48.26
CA MET B 40 -22.63 17.68 -48.26
C MET B 40 -22.58 19.12 -47.83
C MET B 40 -22.58 19.15 -47.92
N VAL B 41 -23.74 19.73 -47.66
CA VAL B 41 -23.85 21.13 -47.27
C VAL B 41 -24.78 21.22 -46.07
N ASN B 42 -24.57 22.24 -45.25
CA ASN B 42 -25.43 22.49 -44.10
C ASN B 42 -26.60 23.39 -44.53
N ASP B 43 -27.48 23.70 -43.57
CA ASP B 43 -28.66 24.49 -43.87
C ASP B 43 -28.32 25.87 -44.42
N ASN B 44 -27.10 26.35 -44.24
CA ASN B 44 -26.66 27.62 -44.79
C ASN B 44 -25.90 27.45 -46.11
N GLY B 45 -25.96 26.27 -46.72
CA GLY B 45 -25.28 26.06 -47.99
C GLY B 45 -23.77 26.01 -47.89
N ARG B 46 -23.22 25.86 -46.69
CA ARG B 46 -21.78 25.81 -46.54
C ARG B 46 -21.29 24.38 -46.80
N PRO B 47 -20.31 24.18 -47.68
CA PRO B 47 -19.82 22.82 -47.92
C PRO B 47 -19.19 22.22 -46.68
N VAL B 48 -19.31 20.89 -46.56
CA VAL B 48 -18.68 20.13 -45.50
C VAL B 48 -17.45 19.44 -46.06
N ALA B 49 -16.33 19.54 -45.33
CA ALA B 49 -15.10 18.89 -45.78
C ALA B 49 -15.29 17.38 -45.84
N GLY B 50 -14.87 16.79 -46.97
CA GLY B 50 -14.97 15.36 -47.16
C GLY B 50 -13.79 14.85 -47.96
N ARG B 51 -13.69 13.53 -48.05
CA ARG B 51 -12.61 12.89 -48.80
C ARG B 51 -13.11 11.58 -49.41
N LEU B 52 -12.85 11.42 -50.70
CA LEU B 52 -13.14 10.18 -51.40
C LEU B 52 -11.93 9.26 -51.34
N SER B 53 -12.16 7.98 -51.06
CA SER B 53 -11.07 7.03 -50.98
C SER B 53 -10.45 6.81 -52.36
N PRO B 54 -9.15 6.44 -52.40
CA PRO B 54 -8.50 6.25 -53.70
C PRO B 54 -9.24 5.31 -54.63
N ASP B 55 -9.83 4.23 -54.13
CA ASP B 55 -10.55 3.30 -55.00
C ASP B 55 -11.93 3.81 -55.40
N GLY B 56 -12.31 5.01 -54.97
CA GLY B 56 -13.58 5.59 -55.37
C GLY B 56 -14.80 4.94 -54.76
N LEU B 57 -14.63 4.01 -53.83
CA LEU B 57 -15.76 3.28 -53.27
C LEU B 57 -16.33 3.90 -52.01
N ARG B 58 -15.56 4.68 -51.27
CA ARG B 58 -15.96 5.18 -49.96
C ARG B 58 -15.68 6.68 -49.85
N TRP B 59 -16.68 7.44 -49.41
CA TRP B 59 -16.53 8.86 -49.10
C TRP B 59 -16.92 9.10 -47.66
N SER B 60 -16.22 10.02 -47.00
CA SER B 60 -16.47 10.28 -45.59
C SER B 60 -16.15 11.73 -45.27
N THR B 61 -16.95 12.33 -44.39
CA THR B 61 -16.67 13.66 -43.90
C THR B 61 -15.33 13.67 -43.17
N THR B 62 -14.60 14.78 -43.30
CA THR B 62 -13.29 14.93 -42.67
C THR B 62 -13.26 16.03 -41.63
N GLU B 63 -14.39 16.65 -41.32
CA GLU B 63 -14.47 17.65 -40.26
C GLU B 63 -15.65 17.34 -39.37
N GLN B 64 -15.60 17.89 -38.16
CA GLN B 64 -16.66 17.69 -37.18
C GLN B 64 -17.96 18.29 -37.66
N LEU B 65 -19.04 17.55 -37.49
CA LEU B 65 -20.38 18.06 -37.77
C LEU B 65 -20.92 18.76 -36.53
N GLY B 66 -21.83 19.70 -36.75
CA GLY B 66 -22.34 20.53 -35.67
C GLY B 66 -23.67 20.04 -35.14
N TYR B 67 -23.94 20.43 -33.88
CA TYR B 67 -25.25 20.25 -33.30
C TYR B 67 -26.28 21.10 -34.04
N ASN B 68 -27.53 20.66 -33.99
CA ASN B 68 -28.67 21.49 -34.39
C ASN B 68 -28.56 21.96 -35.84
N ARG B 69 -28.09 21.08 -36.71
CA ARG B 69 -27.90 21.38 -38.12
C ARG B 69 -28.73 20.45 -38.97
N ARG B 70 -29.04 20.90 -40.18
CA ARG B 70 -29.65 20.06 -41.21
C ARG B 70 -28.66 19.96 -42.35
N TYR B 71 -28.25 18.73 -42.68
CA TYR B 71 -27.29 18.49 -43.74
C TYR B 71 -27.97 17.83 -44.92
N THR B 72 -27.53 18.19 -46.12
CA THR B 72 -28.07 17.65 -47.36
C THR B 72 -26.93 17.01 -48.14
N LEU B 73 -27.08 15.72 -48.42
CA LEU B 73 -26.07 14.92 -49.10
C LEU B 73 -26.53 14.67 -50.54
N ASN B 74 -25.64 14.93 -51.49
CA ASN B 74 -25.86 14.57 -52.89
C ASN B 74 -24.69 13.71 -53.34
N ALA B 75 -25.00 12.60 -54.02
CA ALA B 75 -23.97 11.65 -54.43
C ALA B 75 -24.32 11.06 -55.78
N THR B 76 -23.32 10.96 -56.66
CA THR B 76 -23.47 10.36 -57.97
C THR B 76 -22.48 9.21 -58.11
N ALA B 77 -22.95 8.11 -58.68
CA ALA B 77 -22.13 6.91 -58.86
C ALA B 77 -22.28 6.40 -60.28
N LEU B 78 -21.21 5.78 -60.79
CA LEU B 78 -21.17 5.27 -62.15
C LEU B 78 -20.74 3.81 -62.15
N GLY B 79 -21.43 2.99 -62.94
CA GLY B 79 -21.12 1.58 -63.04
C GLY B 79 -21.26 1.10 -64.47
N LEU B 80 -20.92 -0.18 -64.67
CA LEU B 80 -20.98 -0.76 -66.00
C LEU B 80 -22.41 -0.76 -66.55
N GLY B 81 -23.41 -0.80 -65.66
CA GLY B 81 -24.79 -0.76 -66.08
C GLY B 81 -25.38 0.61 -66.25
N GLY B 82 -24.70 1.65 -65.77
CA GLY B 82 -25.17 3.01 -65.89
C GLY B 82 -24.77 3.81 -64.67
N ALA B 83 -25.49 4.90 -64.46
CA ALA B 83 -25.22 5.83 -63.37
C ALA B 83 -26.34 5.77 -62.33
N ALA B 84 -26.05 6.31 -61.15
CA ALA B 84 -27.02 6.40 -60.08
C ALA B 84 -26.77 7.64 -59.25
N THR B 85 -27.85 8.33 -58.89
CA THR B 85 -27.76 9.54 -58.09
C THR B 85 -28.72 9.43 -56.91
N ARG B 86 -28.39 10.13 -55.83
CA ARG B 86 -29.23 10.11 -54.64
C ARG B 86 -29.06 11.42 -53.88
N GLN B 87 -30.14 11.82 -53.22
CA GLN B 87 -30.15 13.02 -52.37
C GLN B 87 -30.74 12.61 -51.02
N LEU B 88 -29.97 12.83 -49.96
CA LEU B 88 -30.40 12.55 -48.60
C LEU B 88 -30.34 13.82 -47.77
N THR B 89 -31.21 13.90 -46.77
CA THR B 89 -31.20 14.99 -45.81
C THR B 89 -31.41 14.42 -44.43
N PHE B 90 -30.70 14.97 -43.44
CA PHE B 90 -30.82 14.51 -42.08
C PHE B 90 -30.52 15.67 -41.13
N GLN B 91 -31.02 15.56 -39.92
CA GLN B 91 -30.88 16.59 -38.89
C GLN B 91 -30.12 16.01 -37.71
N THR B 92 -29.09 16.72 -37.27
CA THR B 92 -28.26 16.24 -36.18
C THR B 92 -28.91 16.56 -34.83
N SER B 93 -28.32 15.99 -33.78
CA SER B 93 -28.81 16.19 -32.42
C SER B 93 -28.95 17.67 -32.11
N SER B 94 -30.06 18.01 -31.46
CA SER B 94 -30.34 19.38 -31.02
C SER B 94 -30.30 19.40 -29.51
N PRO B 95 -29.15 19.67 -28.88
CA PRO B 95 -29.06 19.54 -27.43
C PRO B 95 -29.93 20.57 -26.70
N ALA B 96 -30.49 20.15 -25.57
CA ALA B 96 -31.15 21.10 -24.68
C ALA B 96 -30.14 21.84 -23.81
N HIS B 97 -29.01 21.22 -23.51
N HIS B 97 -29.03 21.18 -23.46
CA HIS B 97 -27.97 21.82 -22.70
CA HIS B 97 -27.97 21.75 -22.65
C HIS B 97 -26.62 21.21 -23.09
C HIS B 97 -26.63 21.23 -23.18
N LEU B 98 -25.56 21.98 -22.88
CA LEU B 98 -24.20 21.51 -23.13
C LEU B 98 -23.39 21.52 -21.84
N THR B 99 -22.44 20.59 -21.74
CA THR B 99 -21.53 20.53 -20.60
C THR B 99 -20.11 20.29 -21.09
N MET B 100 -19.16 20.99 -20.49
CA MET B 100 -17.75 20.87 -20.88
C MET B 100 -17.01 19.99 -19.90
N PRO B 101 -16.23 19.01 -20.36
CA PRO B 101 -15.41 18.22 -19.43
C PRO B 101 -14.04 18.83 -19.20
N TYR B 102 -13.52 18.59 -18.00
CA TYR B 102 -12.20 19.03 -17.61
C TYR B 102 -11.47 17.84 -17.01
N VAL B 103 -10.29 17.52 -17.55
CA VAL B 103 -9.57 16.31 -17.19
C VAL B 103 -8.30 16.68 -16.43
N MET B 104 -7.98 15.87 -15.43
CA MET B 104 -6.74 15.97 -14.66
C MET B 104 -6.15 14.57 -14.51
N PRO B 105 -4.82 14.46 -14.37
CA PRO B 105 -3.83 15.54 -14.34
C PRO B 105 -3.59 16.18 -15.70
N GLY B 106 -2.66 17.12 -15.78
CA GLY B 106 -2.40 17.81 -17.03
C GLY B 106 -1.67 16.94 -18.04
N ASP B 107 -1.81 17.33 -19.30
CA ASP B 107 -1.18 16.60 -20.39
C ASP B 107 0.34 16.68 -20.28
N GLY B 108 1.00 15.56 -20.56
CA GLY B 108 2.46 15.50 -20.51
C GLY B 108 3.05 15.49 -19.12
N GLU B 109 2.23 15.52 -18.07
CA GLU B 109 2.74 15.59 -16.71
C GLU B 109 3.26 14.22 -16.24
N VAL B 110 4.09 14.25 -15.21
CA VAL B 110 4.60 13.07 -14.53
C VAL B 110 4.09 13.12 -13.10
N VAL B 111 3.29 12.12 -12.71
CA VAL B 111 2.57 12.13 -11.45
C VAL B 111 2.93 10.90 -10.62
N GLY B 112 2.52 10.92 -9.36
CA GLY B 112 2.84 9.86 -8.44
C GLY B 112 1.94 8.65 -8.59
N VAL B 113 2.24 7.62 -7.79
CA VAL B 113 1.57 6.33 -7.94
C VAL B 113 0.14 6.32 -7.44
N GLY B 114 -0.30 7.37 -6.76
CA GLY B 114 -1.66 7.48 -6.28
C GLY B 114 -2.57 8.39 -7.08
N GLU B 115 -2.12 8.86 -8.26
CA GLU B 115 -2.89 9.85 -9.00
C GLU B 115 -4.02 9.18 -9.77
N PRO B 116 -5.28 9.49 -9.47
CA PRO B 116 -6.37 8.97 -10.30
C PRO B 116 -6.56 9.82 -11.54
N VAL B 117 -7.25 9.22 -12.52
CA VAL B 117 -7.77 9.99 -13.64
C VAL B 117 -9.07 10.65 -13.19
N ALA B 118 -9.22 11.94 -13.49
CA ALA B 118 -10.39 12.70 -13.10
C ALA B 118 -11.00 13.38 -14.32
N ILE B 119 -12.30 13.23 -14.49
CA ILE B 119 -13.06 13.96 -15.50
C ILE B 119 -14.16 14.72 -14.76
N ARG B 120 -14.11 16.05 -14.81
CA ARG B 120 -15.08 16.90 -14.13
C ARG B 120 -15.86 17.68 -15.16
N PHE B 121 -17.19 17.54 -15.14
CA PHE B 121 -18.07 18.30 -16.00
C PHE B 121 -18.56 19.54 -15.27
N ASP B 122 -18.88 20.59 -16.03
CA ASP B 122 -19.40 21.82 -15.45
C ASP B 122 -20.91 21.80 -15.29
N GLU B 123 -21.53 20.62 -15.38
CA GLU B 123 -22.96 20.46 -15.16
C GLU B 123 -23.20 19.07 -14.56
N ASN B 124 -24.30 18.94 -13.82
CA ASN B 124 -24.69 17.65 -13.29
C ASN B 124 -24.96 16.68 -14.43
N ILE B 125 -24.48 15.44 -14.28
CA ILE B 125 -24.60 14.42 -15.32
C ILE B 125 -25.74 13.50 -14.96
N ALA B 126 -26.75 13.44 -15.82
CA ALA B 126 -27.92 12.62 -15.53
C ALA B 126 -27.73 11.17 -15.92
N ASP B 127 -26.92 10.90 -16.95
CA ASP B 127 -26.67 9.54 -17.42
C ASP B 127 -25.18 9.25 -17.22
N ARG B 128 -24.83 8.84 -16.00
CA ARG B 128 -23.43 8.58 -15.69
C ARG B 128 -22.87 7.47 -16.57
N GLY B 129 -23.68 6.45 -16.85
CA GLY B 129 -23.21 5.36 -17.70
C GLY B 129 -22.80 5.84 -19.08
N ALA B 130 -23.52 6.83 -19.61
CA ALA B 130 -23.16 7.38 -20.91
C ALA B 130 -21.84 8.13 -20.84
N ALA B 131 -21.60 8.84 -19.74
CA ALA B 131 -20.33 9.54 -19.59
C ALA B 131 -19.18 8.56 -19.47
N GLU B 132 -19.36 7.47 -18.71
CA GLU B 132 -18.28 6.50 -18.55
C GLU B 132 -17.97 5.81 -19.88
N LYS B 133 -19.01 5.43 -20.63
CA LYS B 133 -18.80 4.77 -21.91
C LYS B 133 -18.02 5.65 -22.88
N ALA B 134 -18.14 6.97 -22.74
CA ALA B 134 -17.51 7.91 -23.66
C ALA B 134 -16.06 8.24 -23.29
N ILE B 135 -15.53 7.61 -22.24
CA ILE B 135 -14.19 7.89 -21.73
C ILE B 135 -13.36 6.63 -21.90
N LYS B 136 -12.33 6.69 -22.74
CA LYS B 136 -11.50 5.55 -23.09
C LYS B 136 -10.13 5.71 -22.44
N ILE B 137 -9.79 4.80 -21.54
CA ILE B 137 -8.54 4.85 -20.77
C ILE B 137 -7.62 3.73 -21.27
N THR B 138 -6.46 4.12 -21.80
CA THR B 138 -5.43 3.18 -22.21
C THR B 138 -4.26 3.25 -21.23
N THR B 139 -3.69 2.09 -20.90
CA THR B 139 -2.58 2.02 -19.96
C THR B 139 -1.50 1.07 -20.48
N ASN B 140 -0.25 1.49 -20.35
CA ASN B 140 0.89 0.66 -20.75
C ASN B 140 1.96 0.76 -19.66
N PRO B 141 2.24 -0.33 -18.92
CA PRO B 141 1.63 -1.67 -19.02
C PRO B 141 0.13 -1.68 -18.73
N PRO B 142 -0.63 -2.53 -19.43
CA PRO B 142 -2.07 -2.59 -19.18
C PRO B 142 -2.37 -2.97 -17.75
N VAL B 143 -3.38 -2.32 -17.18
CA VAL B 143 -3.84 -2.60 -15.82
C VAL B 143 -5.32 -2.29 -15.74
N GLU B 144 -6.02 -3.02 -14.88
CA GLU B 144 -7.46 -2.87 -14.72
C GLU B 144 -7.77 -1.66 -13.86
N GLY B 145 -8.87 -0.98 -14.19
CA GLY B 145 -9.38 0.12 -13.41
C GLY B 145 -10.87 0.22 -13.59
N ALA B 146 -11.47 1.18 -12.88
CA ALA B 146 -12.92 1.34 -12.91
C ALA B 146 -13.27 2.77 -12.50
N PHE B 147 -14.50 3.16 -12.84
CA PHE B 147 -15.01 4.51 -12.58
C PHE B 147 -15.72 4.58 -11.23
N TYR B 148 -15.72 5.77 -10.64
CA TYR B 148 -16.47 6.02 -9.42
C TYR B 148 -16.69 7.53 -9.31
N TRP B 149 -17.90 7.93 -8.91
CA TRP B 149 -18.30 9.33 -8.94
C TRP B 149 -18.19 9.95 -7.55
N LEU B 150 -17.38 11.01 -7.45
CA LEU B 150 -17.27 11.75 -6.19
C LEU B 150 -18.51 12.58 -5.91
N ASN B 151 -19.16 13.10 -6.95
CA ASN B 151 -20.35 13.92 -6.80
C ASN B 151 -21.11 13.85 -8.13
N ASN B 152 -22.08 14.75 -8.30
CA ASN B 152 -22.88 14.73 -9.52
C ASN B 152 -22.11 15.19 -10.75
N ARG B 153 -20.91 15.75 -10.58
CA ARG B 153 -20.20 16.37 -11.70
C ARG B 153 -18.85 15.77 -12.01
N GLU B 154 -18.21 15.09 -11.06
CA GLU B 154 -16.85 14.62 -11.26
C GLU B 154 -16.76 13.11 -11.03
N VAL B 155 -16.14 12.42 -11.98
CA VAL B 155 -15.92 10.98 -11.91
C VAL B 155 -14.42 10.72 -11.91
N ARG B 156 -14.03 9.65 -11.23
CA ARG B 156 -12.64 9.25 -11.09
C ARG B 156 -12.43 7.85 -11.64
N TRP B 157 -11.19 7.56 -12.04
CA TRP B 157 -10.83 6.26 -12.58
C TRP B 157 -9.44 5.89 -12.07
N ARG B 158 -9.31 4.69 -11.52
CA ARG B 158 -8.05 4.25 -10.94
C ARG B 158 -8.02 2.74 -10.92
N PRO B 159 -6.84 2.13 -10.80
CA PRO B 159 -6.74 0.68 -10.63
C PRO B 159 -6.97 0.27 -9.18
N GLU B 160 -6.81 -1.02 -8.91
CA GLU B 160 -7.03 -1.55 -7.57
C GLU B 160 -5.89 -1.17 -6.64
N HIS B 161 -4.65 -1.34 -7.10
CA HIS B 161 -3.46 -0.98 -6.34
C HIS B 161 -2.82 0.26 -6.96
N PHE B 162 -1.89 0.85 -6.21
CA PHE B 162 -1.19 2.03 -6.69
C PHE B 162 -0.56 1.77 -8.06
N TRP B 163 -0.45 2.81 -8.87
CA TRP B 163 0.16 2.68 -10.19
C TRP B 163 1.56 2.10 -10.08
N LYS B 164 1.94 1.33 -11.08
CA LYS B 164 3.32 0.88 -11.18
C LYS B 164 4.16 1.97 -11.85
N PRO B 165 5.31 2.32 -11.29
CA PRO B 165 6.13 3.36 -11.91
C PRO B 165 6.46 3.04 -13.36
N GLY B 166 6.47 4.08 -14.20
CA GLY B 166 6.76 3.92 -15.61
C GLY B 166 5.56 3.59 -16.47
N THR B 167 4.35 3.61 -15.92
CA THR B 167 3.15 3.31 -16.69
C THR B 167 2.70 4.55 -17.46
N ALA B 168 2.35 4.35 -18.73
CA ALA B 168 1.77 5.40 -19.56
C ALA B 168 0.25 5.32 -19.47
N VAL B 169 -0.39 6.47 -19.34
CA VAL B 169 -1.84 6.56 -19.21
C VAL B 169 -2.33 7.54 -20.27
N ASP B 170 -3.25 7.06 -21.12
CA ASP B 170 -3.87 7.88 -22.16
C ASP B 170 -5.35 8.00 -21.88
N VAL B 171 -5.87 9.23 -21.90
CA VAL B 171 -7.25 9.53 -21.55
C VAL B 171 -7.90 10.25 -22.72
N ALA B 172 -8.96 9.65 -23.26
CA ALA B 172 -9.71 10.22 -24.39
C ALA B 172 -11.15 10.42 -23.94
N VAL B 173 -11.53 11.67 -23.71
CA VAL B 173 -12.89 12.01 -23.28
C VAL B 173 -13.64 12.37 -24.55
N ASN B 174 -14.34 11.38 -25.12
CA ASN B 174 -15.04 11.56 -26.38
C ASN B 174 -16.52 11.88 -26.14
N THR B 175 -16.74 13.03 -25.50
CA THR B 175 -18.08 13.42 -25.11
C THR B 175 -18.84 14.21 -26.17
N TYR B 176 -18.14 14.79 -27.14
CA TYR B 176 -18.83 15.55 -28.18
C TYR B 176 -19.76 14.64 -28.96
N GLY B 177 -21.01 15.07 -29.12
CA GLY B 177 -22.02 14.28 -29.80
C GLY B 177 -22.69 13.22 -28.97
N VAL B 178 -22.30 13.07 -27.71
CA VAL B 178 -22.84 12.04 -26.84
C VAL B 178 -23.94 12.62 -25.98
N ASP B 179 -25.09 11.94 -25.92
CA ASP B 179 -26.19 12.35 -25.07
C ASP B 179 -25.90 11.88 -23.65
N LEU B 180 -25.64 12.83 -22.75
CA LEU B 180 -25.35 12.53 -21.36
C LEU B 180 -26.59 12.58 -20.47
N GLY B 181 -27.78 12.56 -21.05
CA GLY B 181 -29.00 12.51 -20.27
C GLY B 181 -29.74 13.83 -20.21
N GLU B 182 -31.06 13.77 -20.35
CA GLU B 182 -31.92 14.95 -20.25
C GLU B 182 -31.53 16.02 -21.27
N GLY B 183 -31.20 15.58 -22.49
CA GLY B 183 -30.83 16.51 -23.53
C GLY B 183 -29.50 17.21 -23.32
N MET B 184 -28.67 16.72 -22.41
N MET B 184 -28.65 16.70 -22.44
CA MET B 184 -27.35 17.26 -22.17
CA MET B 184 -27.35 17.30 -22.16
C MET B 184 -26.35 16.55 -23.07
C MET B 184 -26.29 16.59 -22.98
N PHE B 185 -25.60 17.33 -23.85
CA PHE B 185 -24.59 16.78 -24.74
C PHE B 185 -23.24 17.41 -24.45
N GLY B 186 -22.18 16.67 -24.78
CA GLY B 186 -20.83 17.16 -24.54
C GLY B 186 -20.52 18.35 -25.44
N GLU B 187 -19.96 19.40 -24.85
CA GLU B 187 -19.60 20.58 -25.64
C GLU B 187 -18.41 20.30 -26.55
N ASP B 188 -17.55 19.37 -26.15
CA ASP B 188 -16.30 19.12 -26.87
C ASP B 188 -15.68 17.85 -26.32
N ASN B 189 -14.67 17.36 -27.05
CA ASN B 189 -13.84 16.26 -26.59
C ASN B 189 -12.60 16.83 -25.91
N VAL B 190 -12.01 16.00 -25.04
CA VAL B 190 -10.79 16.36 -24.33
C VAL B 190 -9.85 15.16 -24.36
N GLN B 191 -8.55 15.45 -24.44
CA GLN B 191 -7.52 14.43 -24.59
C GLN B 191 -6.32 14.81 -23.74
N THR B 192 -5.86 13.88 -22.91
CA THR B 192 -4.67 14.11 -22.09
C THR B 192 -3.89 12.82 -21.94
N HIS B 193 -2.59 12.97 -21.66
CA HIS B 193 -1.68 11.84 -21.52
C HIS B 193 -0.66 12.21 -20.45
N PHE B 194 -0.36 11.26 -19.58
CA PHE B 194 0.61 11.49 -18.51
C PHE B 194 1.28 10.18 -18.16
N THR B 195 2.32 10.26 -17.34
CA THR B 195 3.16 9.12 -17.00
C THR B 195 3.36 9.04 -15.50
N ILE B 196 3.47 7.81 -15.00
CA ILE B 196 3.66 7.57 -13.57
C ILE B 196 5.14 7.59 -13.25
N GLY B 197 5.52 8.40 -12.28
CA GLY B 197 6.90 8.53 -11.86
C GLY B 197 7.26 7.61 -10.72
N ASP B 198 8.27 8.01 -9.95
CA ASP B 198 8.77 7.19 -8.85
C ASP B 198 7.67 6.93 -7.83
N GLU B 199 7.82 5.84 -7.10
CA GLU B 199 6.94 5.51 -5.98
C GLU B 199 7.36 6.32 -4.76
N VAL B 200 6.50 7.22 -4.30
CA VAL B 200 6.78 8.04 -3.14
C VAL B 200 5.61 7.89 -2.18
N ILE B 201 5.86 7.25 -1.04
CA ILE B 201 4.85 7.02 -0.01
C ILE B 201 5.42 7.54 1.30
N ALA B 202 4.72 8.48 1.93
CA ALA B 202 5.10 9.02 3.22
C ALA B 202 4.10 8.59 4.27
N THR B 203 4.59 8.10 5.41
CA THR B 203 3.74 7.56 6.46
C THR B 203 3.88 8.39 7.72
N ALA B 204 2.76 8.93 8.20
CA ALA B 204 2.70 9.68 9.46
C ALA B 204 2.06 8.77 10.50
N ASP B 205 2.88 8.24 11.41
CA ASP B 205 2.43 7.37 12.47
C ASP B 205 2.22 8.19 13.74
N ASP B 206 0.98 8.23 14.21
CA ASP B 206 0.68 9.01 15.41
C ASP B 206 1.32 8.45 16.67
N ASN B 207 1.64 7.15 16.70
CA ASN B 207 2.29 6.58 17.88
C ASN B 207 3.71 7.11 18.04
N THR B 208 4.39 7.43 16.93
CA THR B 208 5.73 8.00 16.98
C THR B 208 5.77 9.47 16.62
N LYS B 209 4.70 9.99 16.01
CA LYS B 209 4.66 11.39 15.58
C LYS B 209 5.83 11.70 14.64
N ILE B 210 6.11 10.76 13.74
CA ILE B 210 7.12 10.90 12.71
C ILE B 210 6.45 10.71 11.36
N LEU B 211 6.76 11.60 10.41
CA LEU B 211 6.35 11.46 9.01
C LEU B 211 7.56 10.95 8.22
N THR B 212 7.52 9.68 7.85
CA THR B 212 8.63 9.03 7.16
C THR B 212 8.34 8.96 5.67
N VAL B 213 9.24 9.55 4.87
CA VAL B 213 9.11 9.54 3.42
C VAL B 213 9.95 8.40 2.86
N ARG B 214 9.32 7.56 2.03
CA ARG B 214 9.99 6.47 1.36
C ARG B 214 9.87 6.66 -0.14
N VAL B 215 11.02 6.66 -0.83
CA VAL B 215 11.08 6.78 -2.28
C VAL B 215 11.53 5.44 -2.83
N ASN B 216 10.66 4.78 -3.59
CA ASN B 216 10.94 3.45 -4.12
C ASN B 216 11.33 2.49 -3.00
N GLY B 217 10.60 2.55 -1.90
CA GLY B 217 10.77 1.64 -0.79
C GLY B 217 11.94 1.93 0.13
N GLU B 218 12.72 2.98 -0.14
CA GLU B 218 13.87 3.32 0.67
C GLU B 218 13.58 4.58 1.48
N VAL B 219 13.96 4.56 2.76
CA VAL B 219 13.73 5.71 3.63
C VAL B 219 14.71 6.81 3.27
N VAL B 220 14.17 7.96 2.87
CA VAL B 220 15.00 9.10 2.48
C VAL B 220 14.80 10.31 3.38
N LYS B 221 13.81 10.31 4.26
CA LYS B 221 13.59 11.47 5.13
C LYS B 221 12.69 11.05 6.27
N SER B 222 12.97 11.57 7.46
CA SER B 222 12.17 11.31 8.65
C SER B 222 11.92 12.64 9.33
N MET B 223 10.65 13.05 9.38
CA MET B 223 10.29 14.40 9.81
C MET B 223 9.48 14.36 11.08
N PRO B 224 9.98 14.87 12.19
CA PRO B 224 9.10 15.07 13.36
C PRO B 224 7.93 15.96 12.97
N THR B 225 6.74 15.56 13.38
CA THR B 225 5.54 16.28 12.99
C THR B 225 4.60 16.39 14.18
N SER B 226 3.76 17.43 14.14
CA SER B 226 2.65 17.60 15.06
C SER B 226 1.38 17.62 14.23
N MET B 227 0.44 16.75 14.55
CA MET B 227 -0.80 16.62 13.80
C MET B 227 -1.95 17.25 14.59
N GLY B 228 -3.17 17.00 14.12
CA GLY B 228 -4.32 17.63 14.75
C GLY B 228 -4.48 17.19 16.21
N LYS B 229 -4.79 18.15 17.06
CA LYS B 229 -5.06 17.86 18.46
C LYS B 229 -6.32 17.02 18.60
N ASP B 230 -6.56 16.55 19.83
CA ASP B 230 -7.69 15.63 20.06
C ASP B 230 -9.00 16.25 19.62
N SER B 231 -9.22 17.54 19.93
CA SER B 231 -10.50 18.16 19.59
C SER B 231 -10.66 18.33 18.08
N THR B 232 -9.57 18.59 17.35
CA THR B 232 -9.58 18.72 15.90
C THR B 232 -8.53 17.80 15.31
N PRO B 233 -8.77 16.49 15.33
CA PRO B 233 -7.72 15.53 14.98
C PRO B 233 -7.51 15.41 13.48
N THR B 234 -6.44 14.70 13.13
CA THR B 234 -6.14 14.35 11.75
C THR B 234 -6.71 12.97 11.45
N ALA B 235 -7.50 12.87 10.39
CA ALA B 235 -8.11 11.60 10.04
C ALA B 235 -7.07 10.62 9.53
N ASN B 236 -7.21 9.35 9.94
CA ASN B 236 -6.41 8.30 9.36
C ASN B 236 -6.83 8.07 7.90
N GLY B 237 -6.00 7.33 7.19
CA GLY B 237 -6.31 6.92 5.83
C GLY B 237 -5.25 7.40 4.84
N ILE B 238 -5.54 7.13 3.57
CA ILE B 238 -4.62 7.40 2.48
C ILE B 238 -4.96 8.73 1.86
N TYR B 239 -3.98 9.63 1.76
CA TYR B 239 -4.13 10.93 1.15
C TYR B 239 -3.35 10.99 -0.15
N ILE B 240 -3.93 11.65 -1.16
CA ILE B 240 -3.27 11.88 -2.43
C ILE B 240 -2.68 13.29 -2.40
N VAL B 241 -1.40 13.41 -2.77
CA VAL B 241 -0.76 14.71 -2.81
C VAL B 241 -1.34 15.54 -3.94
N GLY B 242 -1.80 16.74 -3.60
CA GLY B 242 -2.38 17.64 -4.59
C GLY B 242 -1.42 18.74 -5.01
N SER B 243 -1.79 19.99 -4.79
CA SER B 243 -1.02 21.13 -5.23
C SER B 243 0.02 21.55 -4.18
N ARG B 244 1.03 22.27 -4.65
CA ARG B 244 2.15 22.74 -3.84
C ARG B 244 2.20 24.26 -3.87
N TYR B 245 2.48 24.86 -2.71
CA TYR B 245 2.50 26.32 -2.58
C TYR B 245 3.74 26.74 -1.79
N LYS B 246 4.51 27.66 -2.35
CA LYS B 246 5.60 28.27 -1.59
C LYS B 246 5.06 28.99 -0.36
N HIS B 247 3.88 29.59 -0.47
CA HIS B 247 3.21 30.18 0.68
C HIS B 247 1.74 30.32 0.33
N ILE B 248 0.89 30.27 1.35
CA ILE B 248 -0.55 30.29 1.11
C ILE B 248 -1.25 30.83 2.35
N ILE B 249 -2.28 31.63 2.13
CA ILE B 249 -3.16 32.09 3.19
C ILE B 249 -4.22 31.00 3.38
N MET B 250 -4.17 30.31 4.51
CA MET B 250 -5.12 29.24 4.78
C MET B 250 -6.28 29.81 5.58
N ASP B 251 -7.47 29.77 4.99
CA ASP B 251 -8.68 30.37 5.55
C ASP B 251 -9.65 29.25 5.93
N SER B 252 -10.00 29.18 7.20
CA SER B 252 -10.91 28.12 7.66
C SER B 252 -12.25 28.20 6.94
N SER B 253 -12.70 29.40 6.57
CA SER B 253 -14.01 29.54 5.93
C SER B 253 -14.06 28.78 4.60
N THR B 254 -12.91 28.62 3.93
CA THR B 254 -12.86 27.82 2.71
C THR B 254 -13.43 26.42 2.92
N TYR B 255 -13.36 25.90 4.15
CA TYR B 255 -13.82 24.56 4.47
C TYR B 255 -15.06 24.57 5.35
N GLY B 256 -15.79 25.68 5.37
CA GLY B 256 -17.07 25.74 6.06
C GLY B 256 -17.02 26.24 7.48
N VAL B 257 -15.83 26.36 8.07
CA VAL B 257 -15.69 26.79 9.46
C VAL B 257 -15.45 28.30 9.47
N PRO B 258 -16.35 29.09 10.06
CA PRO B 258 -16.08 30.53 10.15
C PRO B 258 -14.78 30.81 10.87
N VAL B 259 -14.09 31.86 10.44
CA VAL B 259 -12.83 32.23 11.09
C VAL B 259 -13.07 32.67 12.52
N ASN B 260 -14.21 33.32 12.80
CA ASN B 260 -14.53 33.79 14.14
C ASN B 260 -14.94 32.67 15.08
N SER B 261 -15.20 31.48 14.57
CA SER B 261 -15.63 30.37 15.41
C SER B 261 -14.44 29.85 16.21
N PRO B 262 -14.69 29.00 17.21
CA PRO B 262 -13.57 28.49 18.02
C PRO B 262 -12.53 27.73 17.22
N ASN B 263 -12.95 26.94 16.24
CA ASN B 263 -12.03 26.17 15.42
C ASN B 263 -11.64 26.88 14.13
N GLY B 264 -12.04 28.14 13.96
CA GLY B 264 -11.65 28.91 12.79
C GLY B 264 -10.22 29.43 12.90
N TYR B 265 -9.72 29.94 11.77
CA TYR B 265 -8.36 30.42 11.72
C TYR B 265 -8.11 31.11 10.37
N ARG B 266 -7.23 32.10 10.40
CA ARG B 266 -6.71 32.73 9.19
C ARG B 266 -5.24 33.05 9.43
N THR B 267 -4.36 32.45 8.64
CA THR B 267 -2.94 32.67 8.83
C THR B 267 -2.18 32.27 7.57
N ASP B 268 -1.06 32.96 7.33
CA ASP B 268 -0.20 32.70 6.20
C ASP B 268 0.89 31.71 6.60
N VAL B 269 1.10 30.69 5.78
CA VAL B 269 2.08 29.65 6.06
C VAL B 269 2.91 29.39 4.81
N ASP B 270 4.12 28.88 5.03
CA ASP B 270 5.08 28.62 3.98
C ASP B 270 5.12 27.14 3.62
N TRP B 271 5.64 26.86 2.43
CA TRP B 271 5.95 25.50 1.97
C TRP B 271 4.84 24.52 2.33
N ALA B 272 3.66 24.80 1.78
CA ALA B 272 2.45 24.03 2.09
C ALA B 272 2.10 23.12 0.93
N THR B 273 1.95 21.83 1.22
CA THR B 273 1.51 20.83 0.25
C THR B 273 0.14 20.32 0.68
N GLN B 274 -0.84 20.41 -0.22
CA GLN B 274 -2.18 19.96 0.07
C GLN B 274 -2.30 18.45 -0.11
N ILE B 275 -3.02 17.80 0.79
CA ILE B 275 -3.26 16.36 0.68
C ILE B 275 -4.72 15.98 0.86
N SER B 276 -5.61 16.93 1.09
CA SER B 276 -7.04 16.66 1.14
C SER B 276 -7.81 17.94 0.85
N TYR B 277 -8.95 17.81 0.16
CA TYR B 277 -9.83 18.95 -0.06
C TYR B 277 -10.37 19.49 1.26
N SER B 278 -10.47 18.64 2.27
CA SER B 278 -10.98 19.06 3.57
C SER B 278 -10.06 20.05 4.27
N GLY B 279 -8.85 20.27 3.75
CA GLY B 279 -7.95 21.25 4.27
C GLY B 279 -6.74 20.73 5.02
N VAL B 280 -6.32 19.49 4.78
CA VAL B 280 -5.12 18.95 5.40
C VAL B 280 -3.93 19.29 4.51
N PHE B 281 -2.91 19.88 5.12
CA PHE B 281 -1.68 20.27 4.45
C PHE B 281 -0.49 19.77 5.26
N VAL B 282 0.61 19.49 4.56
CA VAL B 282 1.94 19.44 5.17
C VAL B 282 2.56 20.80 4.91
N HIS B 283 2.99 21.49 5.97
CA HIS B 283 3.46 22.86 5.82
C HIS B 283 4.44 23.22 6.93
N SER B 284 5.15 24.32 6.69
CA SER B 284 6.12 24.81 7.67
C SER B 284 5.41 25.36 8.90
N ALA B 285 5.81 24.87 10.08
CA ALA B 285 5.21 25.28 11.35
C ALA B 285 6.32 25.56 12.36
N PRO B 286 6.98 26.72 12.25
CA PRO B 286 8.02 27.05 13.24
C PRO B 286 7.47 27.23 14.65
N TRP B 287 6.19 27.58 14.79
CA TRP B 287 5.64 27.82 16.12
C TRP B 287 5.46 26.54 16.92
N SER B 288 5.43 25.38 16.27
CA SER B 288 5.20 24.11 16.96
C SER B 288 6.39 23.17 16.87
N VAL B 289 7.58 23.69 16.55
CA VAL B 289 8.77 22.84 16.49
C VAL B 289 8.97 22.12 17.81
N GLY B 290 8.72 22.81 18.93
CA GLY B 290 8.91 22.19 20.23
C GLY B 290 8.01 21.00 20.45
N ALA B 291 6.84 20.99 19.83
CA ALA B 291 5.90 19.88 19.99
C ALA B 291 6.02 18.83 18.90
N GLN B 292 6.64 19.15 17.77
CA GLN B 292 6.76 18.20 16.68
C GLN B 292 7.53 16.96 17.14
N GLY B 293 6.94 15.80 16.92
CA GLY B 293 7.50 14.56 17.42
C GLY B 293 7.13 14.23 18.85
N HIS B 294 6.26 15.01 19.48
CA HIS B 294 5.92 14.82 20.88
C HIS B 294 4.42 14.86 21.10
N THR B 295 3.76 15.93 20.65
CA THR B 295 2.34 16.11 20.88
C THR B 295 1.66 16.77 19.70
N ASN B 296 0.38 16.45 19.50
CA ASN B 296 -0.42 17.03 18.44
C ASN B 296 -1.03 18.34 18.90
N THR B 297 -0.92 19.38 18.06
CA THR B 297 -1.34 20.72 18.46
C THR B 297 -2.05 21.50 17.37
N SER B 298 -2.35 20.91 16.23
CA SER B 298 -2.83 21.64 15.07
C SER B 298 -4.33 21.38 14.85
N HIS B 299 -4.86 21.96 13.76
CA HIS B 299 -6.26 21.78 13.38
C HIS B 299 -6.47 20.59 12.45
N GLY B 300 -5.44 19.80 12.20
CA GLY B 300 -5.54 18.66 11.30
C GLY B 300 -4.36 18.57 10.36
N CYS B 301 -3.68 19.70 10.17
CA CYS B 301 -2.52 19.73 9.28
C CYS B 301 -1.34 19.01 9.91
N LEU B 302 -0.43 18.53 9.06
CA LEU B 302 0.81 17.89 9.48
C LEU B 302 1.86 18.98 9.62
N ASN B 303 1.97 19.53 10.84
CA ASN B 303 3.00 20.51 11.12
C ASN B 303 4.38 19.86 11.07
N VAL B 304 5.30 20.45 10.30
CA VAL B 304 6.69 20.02 10.27
C VAL B 304 7.58 21.26 10.31
N SER B 305 8.89 21.03 10.43
CA SER B 305 9.84 22.13 10.47
C SER B 305 9.94 22.82 9.12
N PRO B 306 10.40 24.08 9.11
CA PRO B 306 10.51 24.79 7.82
C PRO B 306 11.37 24.07 6.80
N SER B 307 12.50 23.50 7.21
CA SER B 307 13.36 22.82 6.24
C SER B 307 12.73 21.53 5.76
N ASN B 308 11.98 20.83 6.61
CA ASN B 308 11.34 19.60 6.19
C ASN B 308 10.14 19.89 5.30
N ALA B 309 9.38 20.95 5.60
CA ALA B 309 8.29 21.36 4.72
C ALA B 309 8.82 21.70 3.33
N GLN B 310 9.86 22.54 3.27
CA GLN B 310 10.45 22.87 1.97
C GLN B 310 10.98 21.61 1.29
N TRP B 311 11.58 20.70 2.06
CA TRP B 311 12.03 19.44 1.47
C TRP B 311 10.86 18.70 0.84
N PHE B 312 9.73 18.62 1.56
CA PHE B 312 8.53 17.98 1.03
C PHE B 312 8.05 18.67 -0.23
N TYR B 313 8.02 20.00 -0.21
CA TYR B 313 7.63 20.76 -1.39
C TYR B 313 8.51 20.42 -2.59
N ASP B 314 9.81 20.24 -2.35
CA ASP B 314 10.75 20.06 -3.45
C ASP B 314 10.77 18.63 -3.98
N HIS B 315 10.52 17.64 -3.12
CA HIS B 315 10.73 16.25 -3.49
C HIS B 315 9.44 15.44 -3.66
N VAL B 316 8.28 16.02 -3.37
CA VAL B 316 7.01 15.33 -3.48
C VAL B 316 6.20 15.98 -4.59
N LYS B 317 5.52 15.14 -5.38
CA LYS B 317 4.82 15.59 -6.57
C LYS B 317 3.36 15.19 -6.52
N ARG B 318 2.56 15.83 -7.39
CA ARG B 318 1.15 15.50 -7.52
C ARG B 318 0.98 14.00 -7.77
N GLY B 319 0.18 13.37 -6.94
CA GLY B 319 -0.08 11.95 -7.04
C GLY B 319 0.66 11.10 -6.02
N ASP B 320 1.70 11.63 -5.39
CA ASP B 320 2.36 10.90 -4.32
C ASP B 320 1.37 10.66 -3.18
N ILE B 321 1.75 9.80 -2.25
CA ILE B 321 0.85 9.30 -1.22
C ILE B 321 1.34 9.73 0.16
N VAL B 322 0.41 10.13 1.00
CA VAL B 322 0.65 10.31 2.43
C VAL B 322 -0.37 9.47 3.18
N GLU B 323 0.11 8.62 4.08
CA GLU B 323 -0.75 7.73 4.85
C GLU B 323 -0.63 8.07 6.33
N VAL B 324 -1.77 8.30 6.97
CA VAL B 324 -1.84 8.62 8.39
C VAL B 324 -2.46 7.42 9.10
N VAL B 325 -1.84 7.01 10.21
CA VAL B 325 -2.30 5.86 10.98
C VAL B 325 -2.22 6.18 12.46
N ASN B 326 -3.08 5.50 13.23
CA ASN B 326 -3.06 5.48 14.69
C ASN B 326 -3.47 6.80 15.33
N THR B 327 -4.09 7.69 14.56
CA THR B 327 -4.63 8.91 15.16
C THR B 327 -5.93 8.62 15.89
N VAL B 328 -6.36 9.58 16.72
CA VAL B 328 -7.64 9.47 17.40
C VAL B 328 -8.82 9.88 16.52
N GLY B 329 -8.57 10.33 15.30
CA GLY B 329 -9.63 10.71 14.39
C GLY B 329 -10.20 9.52 13.65
N GLY B 330 -11.18 9.81 12.80
CA GLY B 330 -11.80 8.80 11.95
C GLY B 330 -10.93 8.46 10.76
N THR B 331 -11.58 8.17 9.65
CA THR B 331 -10.90 7.91 8.39
C THR B 331 -11.31 8.96 7.36
N LEU B 332 -10.35 9.37 6.53
CA LEU B 332 -10.60 10.41 5.55
C LEU B 332 -11.74 9.97 4.63
N PRO B 333 -12.74 10.82 4.40
CA PRO B 333 -13.85 10.43 3.51
C PRO B 333 -13.34 10.00 2.14
N GLY B 334 -13.91 8.91 1.63
CA GLY B 334 -13.50 8.42 0.33
C GLY B 334 -13.74 9.40 -0.80
N ILE B 335 -14.77 10.25 -0.69
CA ILE B 335 -15.10 11.18 -1.75
C ILE B 335 -14.66 12.58 -1.36
N ASP B 336 -13.60 12.66 -0.54
CA ASP B 336 -13.06 13.97 -0.18
C ASP B 336 -12.62 14.76 -1.40
N GLY B 337 -12.15 14.07 -2.44
CA GLY B 337 -11.49 14.70 -3.57
C GLY B 337 -10.04 14.26 -3.73
N LEU B 338 -9.42 13.86 -2.62
CA LEU B 338 -8.08 13.26 -2.64
C LEU B 338 -8.04 12.00 -1.76
N GLY B 339 -9.19 11.44 -1.43
CA GLY B 339 -9.24 10.26 -0.60
C GLY B 339 -9.74 9.03 -1.34
N ASP B 340 -9.61 9.06 -2.66
CA ASP B 340 -10.14 7.98 -3.49
C ASP B 340 -9.77 6.61 -2.95
N TRP B 341 -8.52 6.45 -2.50
CA TRP B 341 -8.04 5.13 -2.11
C TRP B 341 -8.65 4.64 -0.81
N ASN B 342 -9.38 5.47 -0.08
CA ASN B 342 -10.03 5.04 1.16
C ASN B 342 -11.33 4.29 0.92
N ILE B 343 -11.76 4.15 -0.32
CA ILE B 343 -12.93 3.34 -0.67
C ILE B 343 -12.45 1.95 -1.07
N PRO B 344 -12.98 0.88 -0.46
CA PRO B 344 -12.53 -0.46 -0.84
C PRO B 344 -12.71 -0.71 -2.32
N TRP B 345 -11.81 -1.53 -2.88
CA TRP B 345 -11.81 -1.77 -4.32
C TRP B 345 -13.15 -2.29 -4.82
N ASP B 346 -13.80 -3.14 -4.01
CA ASP B 346 -15.08 -3.70 -4.45
C ASP B 346 -16.16 -2.62 -4.52
N GLN B 347 -16.20 -1.73 -3.52
CA GLN B 347 -17.14 -0.63 -3.58
C GLN B 347 -16.80 0.31 -4.73
N TRP B 348 -15.51 0.56 -4.97
CA TRP B 348 -15.08 1.42 -6.06
C TRP B 348 -15.40 0.78 -7.41
N ARG B 349 -15.02 -0.48 -7.58
CA ARG B 349 -15.24 -1.15 -8.86
C ARG B 349 -16.74 -1.26 -9.17
N ALA B 350 -17.55 -1.55 -8.16
CA ALA B 350 -18.99 -1.61 -8.36
C ALA B 350 -19.52 -0.30 -8.93
N GLY B 351 -18.94 0.82 -8.51
CA GLY B 351 -19.33 2.11 -9.04
C GLY B 351 -20.64 2.61 -8.45
N ASN B 352 -21.03 3.80 -8.91
CA ASN B 352 -22.27 4.44 -8.49
C ASN B 352 -22.91 5.17 -9.67
N ALA B 353 -22.89 4.53 -10.84
CA ALA B 353 -23.57 5.10 -12.00
C ALA B 353 -25.08 5.04 -11.84
N LYS B 354 -25.59 4.05 -11.11
CA LYS B 354 -27.02 3.91 -10.86
C LYS B 354 -27.81 4.03 -12.15
#